data_9LGP
#
_entry.id   9LGP
#
_cell.length_a   32.880
_cell.length_b   148.660
_cell.length_c   67.410
_cell.angle_alpha   90.00
_cell.angle_beta   92.62
_cell.angle_gamma   90.00
#
_symmetry.space_group_name_H-M   'P 1 21 1'
#
loop_
_entity.id
_entity.type
_entity.pdbx_description
1 polymer 'Genome polyprotein'
2 non-polymer 'ethyl (4R)-4-({(2S)-2-[3-{[(5-methyl-1,2-oxazol-3-yl)carbonyl]amino}-2-oxopyridin-1(2H)-yl]pent-4-ynoyl}amino)-5-[(3S)-2-oxopyrrolidin-3-yl]pentanoate'
3 water water
#
_entity_poly.entity_id   1
_entity_poly.type   'polypeptide(L)'
_entity_poly.pdbx_seq_one_letter_code
;GPNTEFALSLLRKNIMTITTSKGEFTGLGIHDRVCVIPTHAQPGDDVLVNGQKIRVKDKYKLVDPENINLELTVLTLDRN
EKFRDIRGFISEDLEGVDATLVVHSNNFTNTILEVGPVTMAGLINLSSTPTNRMIRYDYATKTGQCGGVLCATGKIFGIH
VGGNGRQGFSAQLKKQYFVEKQ
;
_entity_poly.pdbx_strand_id   A,B,C,D
#
loop_
_chem_comp.id
_chem_comp.type
_chem_comp.name
_chem_comp.formula
XNV non-polymer 'ethyl (4R)-4-({(2S)-2-[3-{[(5-methyl-1,2-oxazol-3-yl)carbonyl]amino}-2-oxopyridin-1(2H)-yl]pent-4-ynoyl}amino)-5-[(3S)-2-oxopyrrolidin-3-yl]pentanoate' 'C26 H31 N5 O7'
#
# COMPACT_ATOMS: atom_id res chain seq x y z
N ASN A 3 -4.14 1.45 0.99
CA ASN A 3 -4.02 2.01 2.33
C ASN A 3 -2.64 2.61 2.57
N THR A 4 -1.60 1.89 2.11
CA THR A 4 -0.24 2.40 2.25
C THR A 4 -0.03 3.69 1.46
N GLU A 5 -0.68 3.80 0.30
CA GLU A 5 -0.53 5.00 -0.51
C GLU A 5 -1.17 6.21 0.17
N PHE A 6 -2.33 6.03 0.80
CA PHE A 6 -2.93 7.12 1.55
C PHE A 6 -2.12 7.41 2.82
N ALA A 7 -1.60 6.36 3.46
CA ALA A 7 -0.76 6.56 4.64
C ALA A 7 0.55 7.27 4.28
N LEU A 8 1.09 6.96 3.10
CA LEU A 8 2.32 7.63 2.66
C LEU A 8 2.06 9.11 2.39
N SER A 9 0.90 9.44 1.83
CA SER A 9 0.58 10.84 1.55
C SER A 9 0.51 11.65 2.84
N LEU A 10 -0.02 11.06 3.91
CA LEU A 10 -0.05 11.75 5.20
C LEU A 10 1.35 11.94 5.77
N LEU A 11 2.27 11.01 5.47
CA LEU A 11 3.62 11.12 6.00
C LEU A 11 4.39 12.26 5.34
N ARG A 12 4.10 12.57 4.07
CA ARG A 12 4.83 13.63 3.38
C ARG A 12 4.31 15.01 3.70
N LYS A 13 3.00 15.16 3.91
CA LYS A 13 2.36 16.46 3.91
C LYS A 13 1.69 16.85 5.22
N ASN A 14 1.60 15.95 6.20
CA ASN A 14 0.86 16.27 7.43
C ASN A 14 1.46 15.70 8.71
N ILE A 15 2.13 14.56 8.67
CA ILE A 15 2.60 13.89 9.88
C ILE A 15 4.03 14.33 10.18
N MET A 16 4.26 14.79 11.41
CA MET A 16 5.56 15.24 11.86
C MET A 16 5.85 14.66 13.23
N THR A 17 7.09 14.88 13.69
CA THR A 17 7.49 14.49 15.03
C THR A 17 7.47 15.72 15.93
N ILE A 18 6.77 15.62 17.05
CA ILE A 18 6.63 16.71 18.01
C ILE A 18 7.26 16.27 19.33
N THR A 19 8.21 17.06 19.81
CA THR A 19 8.93 16.75 21.04
C THR A 19 8.51 17.73 22.13
N THR A 20 8.03 17.19 23.24
CA THR A 20 7.76 17.94 24.46
C THR A 20 8.73 17.49 25.54
N SER A 21 8.54 17.99 26.76
CA SER A 21 9.33 17.52 27.88
C SER A 21 9.03 16.07 28.22
N LYS A 22 7.94 15.51 27.71
CA LYS A 22 7.56 14.13 27.98
C LYS A 22 8.10 13.14 26.96
N GLY A 23 8.72 13.63 25.87
CA GLY A 23 9.32 12.77 24.87
C GLY A 23 8.85 13.13 23.48
N GLU A 24 8.98 12.18 22.57
CA GLU A 24 8.64 12.36 21.17
C GLU A 24 7.27 11.78 20.89
N PHE A 25 6.46 12.54 20.14
CA PHE A 25 5.11 12.12 19.80
C PHE A 25 4.84 12.41 18.33
N THR A 26 4.10 11.53 17.68
CA THR A 26 3.66 11.78 16.31
C THR A 26 2.58 12.85 16.30
N GLY A 27 2.79 13.91 15.52
CA GLY A 27 1.84 15.00 15.41
C GLY A 27 1.22 15.02 14.02
N LEU A 28 -0.11 15.13 13.99
CA LEU A 28 -0.87 15.17 12.74
C LEU A 28 -1.29 16.61 12.46
N GLY A 29 -0.82 17.15 11.35
CA GLY A 29 -1.25 18.48 10.92
C GLY A 29 -2.63 18.40 10.32
N ILE A 30 -3.55 19.21 10.85
CA ILE A 30 -4.94 19.17 10.44
C ILE A 30 -5.17 20.13 9.27
N HIS A 31 -4.95 21.43 9.52
CA HIS A 31 -5.13 22.45 8.51
C HIS A 31 -4.46 23.73 9.00
N ASP A 32 -4.05 24.58 8.05
CA ASP A 32 -3.39 25.85 8.33
C ASP A 32 -2.16 25.56 9.19
N ARG A 33 -2.05 26.11 10.40
CA ARG A 33 -0.96 25.78 11.31
C ARG A 33 -1.46 25.01 12.53
N VAL A 34 -2.58 24.31 12.38
CA VAL A 34 -3.23 23.59 13.47
C VAL A 34 -2.84 22.12 13.39
N CYS A 35 -2.37 21.58 14.51
CA CYS A 35 -2.02 20.17 14.61
C CYS A 35 -2.53 19.61 15.92
N VAL A 36 -2.60 18.28 15.99
CA VAL A 36 -3.13 17.59 17.15
C VAL A 36 -2.03 16.74 17.78
N ILE A 37 -2.16 16.51 19.08
CA ILE A 37 -1.19 15.74 19.85
C ILE A 37 -1.92 15.13 21.05
N PRO A 38 -1.58 13.93 21.49
CA PRO A 38 -2.17 13.39 22.71
C PRO A 38 -1.97 14.35 23.88
N THR A 39 -3.01 14.49 24.70
CA THR A 39 -2.97 15.44 25.80
C THR A 39 -1.88 15.11 26.80
N HIS A 40 -1.62 13.81 27.03
CA HIS A 40 -0.61 13.41 27.99
C HIS A 40 0.80 13.80 27.57
N ALA A 41 0.99 14.30 26.34
CA ALA A 41 2.29 14.85 25.96
C ALA A 41 2.60 16.13 26.72
N GLN A 42 1.57 16.83 27.22
CA GLN A 42 1.67 18.06 28.00
C GLN A 42 2.63 19.05 27.34
N PRO A 43 2.28 19.60 26.18
CA PRO A 43 3.16 20.59 25.54
C PRO A 43 3.13 21.91 26.27
N GLY A 44 4.29 22.56 26.34
CA GLY A 44 4.42 23.86 26.96
C GLY A 44 4.28 24.99 25.98
N ASP A 45 4.93 26.11 26.28
CA ASP A 45 4.92 27.26 25.37
C ASP A 45 5.76 27.02 24.12
N ASP A 46 6.66 26.05 24.15
CA ASP A 46 7.50 25.73 23.01
C ASP A 46 7.58 24.21 22.85
N VAL A 47 7.59 23.76 21.59
CA VAL A 47 7.78 22.36 21.25
C VAL A 47 8.78 22.27 20.12
N LEU A 48 9.26 21.06 19.86
CA LEU A 48 10.14 20.78 18.74
C LEU A 48 9.34 20.11 17.63
N VAL A 49 9.39 20.68 16.44
CA VAL A 49 8.73 20.12 15.26
C VAL A 49 9.84 19.63 14.34
N ASN A 50 10.03 18.31 14.29
CA ASN A 50 11.12 17.68 13.53
C ASN A 50 12.47 18.23 13.97
N GLY A 51 12.62 18.47 15.28
CA GLY A 51 13.85 18.98 15.83
C GLY A 51 13.97 20.48 15.88
N GLN A 52 13.03 21.22 15.29
CA GLN A 52 13.07 22.67 15.24
C GLN A 52 12.20 23.26 16.33
N LYS A 53 12.75 24.20 17.09
CA LYS A 53 12.01 24.86 18.16
C LYS A 53 10.93 25.76 17.55
N ILE A 54 9.68 25.50 17.91
CA ILE A 54 8.54 26.24 17.38
C ILE A 54 7.68 26.71 18.55
N ARG A 55 7.35 28.01 18.55
CA ARG A 55 6.50 28.56 19.60
C ARG A 55 5.06 28.12 19.40
N VAL A 56 4.43 27.62 20.46
CA VAL A 56 3.04 27.21 20.41
C VAL A 56 2.16 28.45 20.55
N LYS A 57 1.49 28.83 19.47
CA LYS A 57 0.61 30.00 19.52
C LYS A 57 -0.59 29.75 20.41
N ASP A 58 -1.34 28.68 20.13
CA ASP A 58 -2.55 28.36 20.87
C ASP A 58 -2.54 26.87 21.23
N LYS A 59 -3.19 26.56 22.35
CA LYS A 59 -3.30 25.18 22.82
C LYS A 59 -4.54 25.06 23.68
N TYR A 60 -5.31 24.00 23.46
CA TYR A 60 -6.49 23.73 24.28
C TYR A 60 -6.79 22.25 24.26
N LYS A 61 -6.99 21.68 25.44
CA LYS A 61 -7.37 20.28 25.57
C LYS A 61 -8.84 20.08 25.24
N LEU A 62 -9.14 19.02 24.51
CA LEU A 62 -10.50 18.75 24.07
C LEU A 62 -11.26 17.93 25.11
N VAL A 63 -12.47 18.38 25.44
CA VAL A 63 -13.39 17.64 26.29
C VAL A 63 -14.75 17.66 25.62
N ASP A 64 -15.51 16.57 25.80
CA ASP A 64 -16.81 16.45 25.17
C ASP A 64 -17.81 17.37 25.86
N PRO A 65 -18.99 17.57 25.26
CA PRO A 65 -20.00 18.44 25.91
C PRO A 65 -20.37 18.02 27.32
N GLU A 66 -20.12 16.77 27.71
CA GLU A 66 -20.40 16.30 29.06
C GLU A 66 -19.19 16.44 29.98
N ASN A 67 -18.20 17.25 29.61
N ASN A 67 -18.20 17.24 29.60
CA ASN A 67 -17.02 17.52 30.43
CA ASN A 67 -17.03 17.53 30.44
C ASN A 67 -16.25 16.25 30.75
C ASN A 67 -16.23 16.26 30.74
N ILE A 68 -16.17 15.35 29.76
CA ILE A 68 -15.40 14.12 29.89
C ILE A 68 -14.14 14.24 29.03
N ASN A 69 -13.02 13.77 29.56
CA ASN A 69 -11.74 13.91 28.88
C ASN A 69 -11.76 13.19 27.54
N LEU A 70 -11.11 13.80 26.54
CA LEU A 70 -10.97 13.21 25.22
C LEU A 70 -9.53 12.84 24.89
N GLU A 71 -8.57 13.19 25.74
CA GLU A 71 -7.16 12.84 25.58
C GLU A 71 -6.56 13.41 24.30
N LEU A 72 -7.13 14.50 23.76
CA LEU A 72 -6.61 15.14 22.56
C LEU A 72 -6.40 16.62 22.83
N THR A 73 -5.27 17.14 22.37
CA THR A 73 -4.91 18.54 22.53
C THR A 73 -4.62 19.14 21.15
N VAL A 74 -5.31 20.24 20.84
CA VAL A 74 -5.15 20.91 19.56
C VAL A 74 -4.13 22.02 19.71
N LEU A 75 -3.10 22.00 18.88
CA LEU A 75 -2.02 22.97 18.92
C LEU A 75 -2.06 23.85 17.69
N THR A 76 -1.72 25.14 17.87
CA THR A 76 -1.52 26.07 16.77
C THR A 76 -0.07 26.53 16.82
N LEU A 77 0.69 26.22 15.76
CA LEU A 77 2.12 26.48 15.72
C LEU A 77 2.42 27.81 15.05
N ASP A 78 3.49 28.45 15.50
CA ASP A 78 3.96 29.70 14.90
C ASP A 78 5.11 29.40 13.94
N ARG A 79 4.74 28.81 12.81
CA ARG A 79 5.68 28.48 11.74
C ARG A 79 5.10 28.93 10.41
N ASN A 80 5.94 28.88 9.38
CA ASN A 80 5.53 29.39 8.07
C ASN A 80 4.72 28.35 7.30
N GLU A 81 5.13 27.08 7.36
CA GLU A 81 4.49 26.06 6.54
C GLU A 81 3.05 25.82 6.98
N LYS A 82 2.12 25.91 6.02
CA LYS A 82 0.72 25.61 6.26
C LYS A 82 0.44 24.15 5.90
N PHE A 83 -0.31 23.47 6.77
CA PHE A 83 -0.61 22.07 6.56
C PHE A 83 -1.60 21.89 5.41
N ARG A 84 -1.58 20.70 4.83
CA ARG A 84 -2.60 20.33 3.85
C ARG A 84 -3.92 20.05 4.55
N ASP A 85 -4.99 20.67 4.08
CA ASP A 85 -6.31 20.50 4.69
C ASP A 85 -6.78 19.07 4.48
N ILE A 86 -6.69 18.26 5.53
CA ILE A 86 -7.14 16.87 5.48
C ILE A 86 -8.42 16.68 6.27
N ARG A 87 -9.11 17.77 6.61
CA ARG A 87 -10.36 17.65 7.37
C ARG A 87 -11.44 16.92 6.57
N GLY A 88 -11.35 16.96 5.24
CA GLY A 88 -12.31 16.23 4.42
C GLY A 88 -12.23 14.72 4.55
N PHE A 89 -11.09 14.21 5.01
CA PHE A 89 -10.91 12.77 5.18
C PHE A 89 -11.35 12.28 6.56
N ILE A 90 -11.57 13.18 7.52
CA ILE A 90 -12.01 12.77 8.85
C ILE A 90 -13.39 12.15 8.74
N SER A 91 -13.49 10.88 9.16
CA SER A 91 -14.73 10.13 9.06
C SER A 91 -15.06 9.49 10.40
N GLU A 92 -16.36 9.42 10.71
CA GLU A 92 -16.84 8.75 11.92
C GLU A 92 -17.44 7.39 11.63
N ASP A 93 -17.28 6.88 10.41
CA ASP A 93 -17.79 5.55 10.05
C ASP A 93 -16.63 4.56 10.07
N LEU A 94 -16.20 4.23 11.29
CA LEU A 94 -15.03 3.40 11.51
C LEU A 94 -15.38 1.97 11.92
N GLU A 95 -16.64 1.69 12.23
CA GLU A 95 -17.04 0.39 12.78
C GLU A 95 -16.65 -0.77 11.87
N GLY A 96 -15.71 -1.60 12.32
CA GLY A 96 -15.30 -2.77 11.59
C GLY A 96 -14.28 -2.55 10.50
N VAL A 97 -13.80 -1.32 10.31
CA VAL A 97 -12.86 -1.02 9.24
C VAL A 97 -11.49 -1.53 9.61
N ASP A 98 -10.84 -2.24 8.69
CA ASP A 98 -9.44 -2.64 8.85
C ASP A 98 -8.57 -1.41 8.67
N ALA A 99 -8.10 -0.84 9.77
CA ALA A 99 -7.43 0.44 9.76
C ALA A 99 -5.91 0.28 9.79
N THR A 100 -5.22 1.41 9.65
CA THR A 100 -3.77 1.46 9.58
C THR A 100 -3.27 2.60 10.47
N LEU A 101 -2.26 2.32 11.28
CA LEU A 101 -1.66 3.32 12.17
C LEU A 101 -0.39 3.84 11.52
N VAL A 102 -0.31 5.15 11.32
CA VAL A 102 0.84 5.79 10.70
C VAL A 102 1.61 6.50 11.79
N VAL A 103 2.84 6.04 12.06
CA VAL A 103 3.67 6.55 13.13
C VAL A 103 4.92 7.18 12.54
N HIS A 104 5.38 8.28 13.16
CA HIS A 104 6.63 8.95 12.81
C HIS A 104 7.16 9.61 14.08
N SER A 105 7.59 8.77 15.03
CA SER A 105 8.11 9.26 16.29
C SER A 105 8.98 8.18 16.91
N ASN A 106 10.01 8.61 17.64
CA ASN A 106 10.94 7.72 18.35
C ASN A 106 11.54 6.76 17.33
N ASN A 107 11.67 5.47 17.65
CA ASN A 107 12.24 4.50 16.72
C ASN A 107 11.30 4.17 15.57
N PHE A 108 10.02 4.55 15.67
CA PHE A 108 9.03 4.20 14.65
C PHE A 108 8.83 5.39 13.70
N THR A 109 9.86 5.67 12.93
CA THR A 109 9.81 6.72 11.91
C THR A 109 9.35 6.12 10.58
N ASN A 110 8.44 6.83 9.92
CA ASN A 110 7.85 6.38 8.65
C ASN A 110 7.28 4.98 8.79
N THR A 111 6.56 4.75 9.89
CA THR A 111 6.06 3.43 10.25
C THR A 111 4.59 3.31 9.90
N ILE A 112 4.23 2.23 9.21
CA ILE A 112 2.85 1.96 8.82
C ILE A 112 2.50 0.58 9.35
N LEU A 113 1.53 0.52 10.27
CA LEU A 113 1.15 -0.70 10.94
C LEU A 113 -0.29 -1.08 10.56
N GLU A 114 -0.54 -2.39 10.45
CA GLU A 114 -1.87 -2.92 10.21
C GLU A 114 -2.45 -3.34 11.56
N VAL A 115 -3.32 -2.49 12.12
CA VAL A 115 -3.86 -2.73 13.45
C VAL A 115 -5.13 -3.56 13.43
N GLY A 116 -5.56 -4.05 12.28
CA GLY A 116 -6.74 -4.87 12.19
C GLY A 116 -8.01 -4.05 12.28
N PRO A 117 -9.15 -4.72 12.48
CA PRO A 117 -10.43 -4.00 12.54
C PRO A 117 -10.56 -3.20 13.83
N VAL A 118 -11.12 -2.01 13.71
CA VAL A 118 -11.28 -1.10 14.84
C VAL A 118 -12.75 -1.07 15.23
N THR A 119 -13.00 -0.62 16.46
CA THR A 119 -14.35 -0.50 16.98
C THR A 119 -14.41 0.64 17.98
N MET A 120 -15.60 1.22 18.13
CA MET A 120 -15.82 2.33 19.05
C MET A 120 -16.00 1.76 20.45
N ALA A 121 -14.93 1.79 21.24
CA ALA A 121 -15.03 1.31 22.63
C ALA A 121 -15.86 2.24 23.48
N GLY A 122 -15.79 3.54 23.23
CA GLY A 122 -16.63 4.51 23.93
C GLY A 122 -15.92 5.12 25.14
N LEU A 123 -16.42 4.82 26.33
CA LEU A 123 -15.95 5.42 27.57
C LEU A 123 -15.17 4.36 28.34
N ILE A 124 -13.85 4.57 28.48
CA ILE A 124 -12.97 3.64 29.17
C ILE A 124 -12.10 4.42 30.15
N ASN A 125 -11.45 3.69 31.05
CA ASN A 125 -10.59 4.27 32.08
C ASN A 125 -9.15 4.27 31.56
N LEU A 126 -8.73 5.43 31.04
CA LEU A 126 -7.40 5.58 30.45
C LEU A 126 -6.53 6.38 31.41
N SER A 127 -5.49 5.73 31.93
CA SER A 127 -4.54 6.35 32.86
C SER A 127 -5.27 6.99 34.04
N SER A 128 -6.18 6.22 34.63
CA SER A 128 -7.00 6.63 35.77
C SER A 128 -7.86 7.85 35.45
N THR A 129 -8.13 8.10 34.17
CA THR A 129 -8.96 9.23 33.74
C THR A 129 -10.00 8.72 32.77
N PRO A 130 -11.29 8.83 33.08
CA PRO A 130 -12.33 8.42 32.12
C PRO A 130 -12.21 9.21 30.83
N THR A 131 -12.07 8.48 29.72
CA THR A 131 -11.87 9.08 28.41
C THR A 131 -12.97 8.58 27.47
N ASN A 132 -13.65 9.50 26.80
CA ASN A 132 -14.76 9.17 25.93
C ASN A 132 -14.32 9.13 24.47
N ARG A 133 -15.19 8.57 23.63
CA ARG A 133 -14.95 8.44 22.19
C ARG A 133 -13.66 7.66 21.92
N MET A 134 -13.53 6.51 22.56
CA MET A 134 -12.33 5.69 22.46
C MET A 134 -12.50 4.64 21.37
N ILE A 135 -11.55 4.58 20.45
CA ILE A 135 -11.53 3.60 19.37
C ILE A 135 -10.51 2.54 19.72
N ARG A 136 -10.96 1.29 19.78
CA ARG A 136 -10.13 0.17 20.20
C ARG A 136 -9.77 -0.72 19.02
N TYR A 137 -8.53 -1.20 19.02
CA TYR A 137 -8.09 -2.19 18.04
C TYR A 137 -7.24 -3.24 18.76
N ASP A 138 -7.37 -4.49 18.32
CA ASP A 138 -6.67 -5.60 18.95
C ASP A 138 -5.27 -5.75 18.34
N TYR A 139 -4.46 -4.74 18.59
CA TYR A 139 -3.07 -4.71 18.13
C TYR A 139 -2.18 -4.26 19.28
N ALA A 140 -1.01 -4.89 19.40
CA ALA A 140 -0.10 -4.63 20.52
C ALA A 140 0.76 -3.42 20.19
N THR A 141 0.16 -2.24 20.30
CA THR A 141 0.91 -1.00 20.13
C THR A 141 1.93 -0.85 21.26
N LYS A 142 3.00 -0.13 20.96
CA LYS A 142 4.16 -0.09 21.83
C LYS A 142 4.48 1.35 22.24
N THR A 143 5.43 1.47 23.16
CA THR A 143 5.90 2.78 23.59
C THR A 143 6.57 3.51 22.42
N GLY A 144 6.40 4.83 22.39
CA GLY A 144 6.94 5.63 21.32
C GLY A 144 6.04 5.78 20.11
N GLN A 145 4.85 5.18 20.13
CA GLN A 145 3.91 5.24 19.02
C GLN A 145 2.72 6.14 19.30
N CYS A 146 2.71 6.82 20.43
CA CYS A 146 1.58 7.70 20.76
C CYS A 146 1.53 8.87 19.80
N GLY A 147 0.32 9.20 19.35
CA GLY A 147 0.12 10.21 18.33
C GLY A 147 0.00 9.66 16.93
N GLY A 148 0.13 8.34 16.75
CA GLY A 148 -0.01 7.78 15.42
C GLY A 148 -1.40 7.97 14.86
N VAL A 149 -1.47 8.16 13.55
CA VAL A 149 -2.72 8.49 12.87
C VAL A 149 -3.43 7.19 12.51
N LEU A 150 -4.53 6.91 13.19
CA LEU A 150 -5.39 5.78 12.83
C LEU A 150 -6.22 6.17 11.60
N CYS A 151 -6.09 5.40 10.53
CA CYS A 151 -6.70 5.80 9.27
C CYS A 151 -6.84 4.61 8.35
N ALA A 152 -7.59 4.81 7.27
CA ALA A 152 -7.68 3.88 6.15
C ALA A 152 -7.63 4.72 4.88
N THR A 153 -7.90 4.09 3.74
CA THR A 153 -7.87 4.80 2.47
C THR A 153 -8.96 5.87 2.45
N GLY A 154 -8.55 7.12 2.33
CA GLY A 154 -9.49 8.23 2.27
C GLY A 154 -10.27 8.50 3.53
N LYS A 155 -9.89 7.89 4.65
CA LYS A 155 -10.59 8.08 5.92
C LYS A 155 -9.58 8.20 7.04
N ILE A 156 -9.73 9.25 7.85
CA ILE A 156 -8.93 9.46 9.04
C ILE A 156 -9.84 9.32 10.25
N PHE A 157 -9.49 8.40 11.15
CA PHE A 157 -10.37 8.03 12.26
C PHE A 157 -9.98 8.68 13.58
N GLY A 158 -8.70 8.64 13.96
CA GLY A 158 -8.31 9.21 15.23
C GLY A 158 -6.81 9.21 15.41
N ILE A 159 -6.41 9.50 16.65
CA ILE A 159 -5.00 9.63 17.02
C ILE A 159 -4.73 8.68 18.19
N HIS A 160 -3.71 7.84 18.04
CA HIS A 160 -3.39 6.84 19.06
C HIS A 160 -2.94 7.52 20.34
N VAL A 161 -3.51 7.08 21.46
CA VAL A 161 -3.23 7.69 22.76
C VAL A 161 -2.68 6.71 23.79
N GLY A 162 -2.91 5.41 23.65
CA GLY A 162 -2.39 4.49 24.63
C GLY A 162 -2.84 3.07 24.37
N GLY A 163 -2.43 2.19 25.27
CA GLY A 163 -2.76 0.78 25.16
C GLY A 163 -2.34 0.03 26.39
N ASN A 164 -2.43 -1.30 26.32
CA ASN A 164 -2.12 -2.16 27.47
C ASN A 164 -1.23 -3.33 27.09
N GLY A 165 -0.55 -3.27 25.94
CA GLY A 165 0.29 -4.35 25.49
C GLY A 165 -0.41 -5.37 24.62
N ARG A 166 -1.74 -5.39 24.60
CA ARG A 166 -2.53 -6.25 23.74
C ARG A 166 -3.57 -5.48 22.95
N GLN A 167 -4.16 -4.45 23.53
CA GLN A 167 -5.09 -3.56 22.86
C GLN A 167 -4.48 -2.18 22.72
N GLY A 168 -4.95 -1.45 21.72
CA GLY A 168 -4.55 -0.06 21.54
C GLY A 168 -5.77 0.82 21.36
N PHE A 169 -5.62 2.08 21.76
CA PHE A 169 -6.74 3.01 21.77
C PHE A 169 -6.35 4.32 21.09
N SER A 170 -7.26 4.84 20.28
CA SER A 170 -7.07 6.08 19.56
C SER A 170 -8.16 7.08 19.96
N ALA A 171 -7.77 8.34 20.11
CA ALA A 171 -8.73 9.40 20.37
C ALA A 171 -9.44 9.79 19.09
N GLN A 172 -10.76 9.67 19.07
CA GLN A 172 -11.53 9.92 17.85
C GLN A 172 -11.32 11.34 17.37
N LEU A 173 -11.12 11.48 16.06
CA LEU A 173 -11.00 12.78 15.42
C LEU A 173 -12.34 13.16 14.81
N LYS A 174 -12.80 14.38 15.09
CA LYS A 174 -14.06 14.89 14.56
C LYS A 174 -13.83 16.27 13.97
N LYS A 175 -14.55 16.57 12.88
CA LYS A 175 -14.36 17.85 12.20
C LYS A 175 -14.79 19.02 13.08
N GLN A 176 -15.73 18.79 14.00
CA GLN A 176 -16.20 19.86 14.87
C GLN A 176 -15.13 20.34 15.84
N TYR A 177 -14.10 19.54 16.08
CA TYR A 177 -13.03 19.94 17.00
C TYR A 177 -12.27 21.16 16.47
N PHE A 178 -12.25 21.34 15.14
CA PHE A 178 -11.48 22.40 14.51
C PHE A 178 -12.38 23.54 14.02
N VAL A 179 -13.46 23.81 14.75
CA VAL A 179 -14.37 24.91 14.46
C VAL A 179 -14.48 25.77 15.71
N GLU A 180 -14.31 27.08 15.55
CA GLU A 180 -14.38 28.00 16.67
C GLU A 180 -15.83 28.28 17.05
N PRO B 2 13.41 0.09 -5.62
CA PRO B 2 13.29 1.37 -6.33
C PRO B 2 13.99 2.51 -5.61
N ASN B 3 14.09 3.66 -6.26
CA ASN B 3 14.65 4.86 -5.64
C ASN B 3 13.60 5.71 -4.95
N THR B 4 12.34 5.27 -4.93
CA THR B 4 11.27 6.08 -4.36
C THR B 4 11.49 6.34 -2.88
N GLU B 5 11.79 5.29 -2.11
CA GLU B 5 11.91 5.45 -0.66
C GLU B 5 13.07 6.37 -0.30
N PHE B 6 14.18 6.27 -1.02
CA PHE B 6 15.28 7.22 -0.78
C PHE B 6 14.91 8.62 -1.27
N ALA B 7 14.22 8.70 -2.41
CA ALA B 7 13.77 10.00 -2.90
C ALA B 7 12.81 10.67 -1.93
N LEU B 8 12.00 9.87 -1.23
CA LEU B 8 11.10 10.43 -0.22
C LEU B 8 11.88 11.03 0.93
N SER B 9 12.92 10.32 1.41
CA SER B 9 13.70 10.79 2.54
C SER B 9 14.35 12.14 2.23
N LEU B 10 14.75 12.37 0.98
CA LEU B 10 15.29 13.66 0.60
C LEU B 10 14.23 14.75 0.67
N LEU B 11 13.01 14.43 0.20
CA LEU B 11 11.91 15.39 0.30
C LEU B 11 11.59 15.74 1.75
N ARG B 12 11.69 14.76 2.66
CA ARG B 12 11.34 14.99 4.06
C ARG B 12 12.39 15.83 4.78
N LYS B 13 13.66 15.60 4.49
CA LYS B 13 14.74 16.11 5.31
C LYS B 13 15.59 17.21 4.67
N ASN B 14 15.73 17.21 3.35
CA ASN B 14 16.69 18.09 2.70
C ASN B 14 16.14 18.93 1.56
N ILE B 15 15.05 18.54 0.92
CA ILE B 15 14.56 19.23 -0.26
C ILE B 15 13.52 20.28 0.16
N MET B 16 13.69 21.50 -0.36
CA MET B 16 12.76 22.59 -0.08
C MET B 16 12.52 23.36 -1.36
N THR B 17 11.57 24.28 -1.30
CA THR B 17 11.27 25.19 -2.40
C THR B 17 11.92 26.54 -2.10
N ILE B 18 12.79 26.99 -2.99
CA ILE B 18 13.49 28.26 -2.86
C ILE B 18 13.01 29.20 -3.95
N THR B 19 12.58 30.40 -3.56
CA THR B 19 12.06 31.40 -4.48
C THR B 19 13.01 32.59 -4.52
N THR B 20 13.46 32.93 -5.72
CA THR B 20 14.30 34.11 -5.95
C THR B 20 13.53 35.09 -6.83
N SER B 21 14.26 36.10 -7.33
CA SER B 21 13.66 37.03 -8.28
C SER B 21 13.47 36.41 -9.66
N LYS B 22 13.91 35.17 -9.86
CA LYS B 22 13.76 34.46 -11.14
C LYS B 22 12.76 33.32 -11.06
N GLY B 23 11.96 33.25 -10.01
CA GLY B 23 10.93 32.24 -9.87
C GLY B 23 11.23 31.26 -8.74
N GLU B 24 10.49 30.15 -8.77
CA GLU B 24 10.61 29.11 -7.76
C GLU B 24 11.52 28.00 -8.26
N PHE B 25 12.37 27.50 -7.37
CA PHE B 25 13.30 26.43 -7.69
C PHE B 25 13.28 25.40 -6.57
N THR B 26 13.81 24.22 -6.87
CA THR B 26 13.99 23.17 -5.88
C THR B 26 15.38 23.31 -5.26
N GLY B 27 15.42 23.40 -3.93
CA GLY B 27 16.67 23.57 -3.20
C GLY B 27 17.00 22.32 -2.41
N LEU B 28 18.28 21.93 -2.45
CA LEU B 28 18.77 20.74 -1.76
C LEU B 28 19.70 21.18 -0.64
N GLY B 29 19.28 20.95 0.60
CA GLY B 29 20.14 21.21 1.74
C GLY B 29 21.22 20.16 1.85
N ILE B 30 22.48 20.57 1.84
CA ILE B 30 23.60 19.64 1.85
C ILE B 30 23.93 19.25 3.29
N HIS B 31 24.36 20.22 4.09
CA HIS B 31 24.68 19.99 5.49
C HIS B 31 24.70 21.33 6.20
N ASP B 32 24.62 21.27 7.53
CA ASP B 32 24.60 22.48 8.36
C ASP B 32 23.50 23.42 7.89
N ARG B 33 23.89 24.61 7.43
CA ARG B 33 22.98 25.55 6.79
C ARG B 33 23.35 25.78 5.32
N VAL B 34 24.08 24.86 4.73
CA VAL B 34 24.58 24.98 3.37
C VAL B 34 23.62 24.28 2.43
N CYS B 35 23.16 25.00 1.40
CA CYS B 35 22.27 24.44 0.39
C CYS B 35 22.81 24.82 -0.99
N VAL B 36 22.24 24.21 -2.02
CA VAL B 36 22.65 24.44 -3.39
C VAL B 36 21.42 24.77 -4.24
N ILE B 37 21.65 25.59 -5.26
CA ILE B 37 20.58 26.06 -6.15
C ILE B 37 21.22 26.32 -7.52
N PRO B 38 20.47 26.16 -8.61
CA PRO B 38 21.03 26.52 -9.92
C PRO B 38 21.49 27.97 -9.97
N THR B 39 22.58 28.21 -10.69
CA THR B 39 23.15 29.55 -10.74
C THR B 39 22.21 30.54 -11.43
N HIS B 40 21.51 30.10 -12.47
CA HIS B 40 20.60 31.00 -13.18
C HIS B 40 19.41 31.43 -12.33
N ALA B 41 19.24 30.85 -11.15
CA ALA B 41 18.25 31.38 -10.21
C ALA B 41 18.65 32.75 -9.70
N GLN B 42 19.93 33.11 -9.79
CA GLN B 42 20.49 34.39 -9.36
C GLN B 42 19.94 34.83 -8.02
N PRO B 43 20.25 34.10 -6.94
CA PRO B 43 19.73 34.48 -5.63
C PRO B 43 20.36 35.78 -5.14
N GLY B 44 19.56 36.59 -4.47
CA GLY B 44 19.99 37.85 -3.92
C GLY B 44 20.41 37.74 -2.47
N ASP B 45 20.23 38.83 -1.73
CA ASP B 45 20.55 38.82 -0.30
C ASP B 45 19.51 38.10 0.53
N ASP B 46 18.31 37.90 0.00
CA ASP B 46 17.25 37.19 0.69
C ASP B 46 16.55 36.26 -0.29
N VAL B 47 16.13 35.10 0.21
CA VAL B 47 15.38 34.13 -0.58
C VAL B 47 14.15 33.71 0.23
N LEU B 48 13.24 33.04 -0.46
CA LEU B 48 12.02 32.52 0.15
C LEU B 48 12.15 31.00 0.25
N VAL B 49 12.23 30.50 1.48
CA VAL B 49 12.34 29.06 1.73
C VAL B 49 10.98 28.57 2.18
N ASN B 50 10.30 27.83 1.30
CA ASN B 50 8.95 27.33 1.56
C ASN B 50 7.98 28.48 1.88
N GLY B 51 8.17 29.61 1.19
CA GLY B 51 7.34 30.77 1.38
C GLY B 51 7.79 31.71 2.47
N GLN B 52 8.86 31.38 3.19
CA GLN B 52 9.36 32.21 4.29
C GLN B 52 10.61 32.94 3.86
N LYS B 53 10.63 34.25 4.07
CA LYS B 53 11.79 35.07 3.73
C LYS B 53 12.96 34.69 4.63
N ILE B 54 14.00 34.11 4.04
CA ILE B 54 15.19 33.68 4.77
C ILE B 54 16.39 34.45 4.24
N ARG B 55 17.16 35.04 5.14
CA ARG B 55 18.32 35.82 4.74
C ARG B 55 19.43 34.91 4.23
N VAL B 56 20.02 35.27 3.10
CA VAL B 56 21.16 34.54 2.56
C VAL B 56 22.42 35.07 3.24
N LYS B 57 22.97 34.28 4.16
CA LYS B 57 24.19 34.70 4.85
C LYS B 57 25.37 34.80 3.89
N ASP B 58 25.46 33.87 2.94
CA ASP B 58 26.64 33.77 2.10
C ASP B 58 26.30 32.99 0.84
N LYS B 59 27.12 33.19 -0.19
CA LYS B 59 26.93 32.50 -1.46
C LYS B 59 28.20 32.60 -2.28
N TYR B 60 28.46 31.56 -3.07
CA TYR B 60 29.53 31.58 -4.06
C TYR B 60 29.14 30.67 -5.21
N LYS B 61 29.52 31.08 -6.43
CA LYS B 61 29.23 30.31 -7.62
C LYS B 61 30.37 29.35 -7.92
N LEU B 62 30.01 28.12 -8.28
CA LEU B 62 30.99 27.07 -8.49
C LEU B 62 31.56 27.13 -9.90
N VAL B 63 32.88 27.05 -10.00
CA VAL B 63 33.58 26.96 -11.28
C VAL B 63 34.64 25.88 -11.17
N ASP B 64 34.90 25.21 -12.29
CA ASP B 64 35.86 24.13 -12.33
C ASP B 64 37.28 24.70 -12.22
N PRO B 65 38.28 23.85 -11.99
CA PRO B 65 39.67 24.35 -11.97
C PRO B 65 40.11 25.03 -13.26
N GLU B 66 39.38 24.85 -14.37
CA GLU B 66 39.69 25.49 -15.63
C GLU B 66 38.79 26.69 -15.91
N ASN B 67 38.15 27.23 -14.86
CA ASN B 67 37.32 28.44 -14.97
C ASN B 67 36.16 28.25 -15.94
N ILE B 68 35.59 27.05 -15.95
CA ILE B 68 34.41 26.75 -16.76
C ILE B 68 33.20 26.71 -15.84
N ASN B 69 32.09 27.30 -16.29
CA ASN B 69 30.89 27.39 -15.47
C ASN B 69 30.37 26.01 -15.12
N LEU B 70 29.93 25.85 -13.87
CA LEU B 70 29.30 24.62 -13.42
C LEU B 70 27.81 24.77 -13.18
N GLU B 71 27.27 25.99 -13.29
CA GLU B 71 25.83 26.26 -13.13
C GLU B 71 25.31 25.86 -11.75
N LEU B 72 26.19 25.86 -10.75
CA LEU B 72 25.82 25.53 -9.38
C LEU B 72 26.26 26.65 -8.46
N THR B 73 25.36 27.06 -7.57
CA THR B 73 25.64 28.10 -6.59
C THR B 73 25.32 27.57 -5.20
N VAL B 74 26.27 27.73 -4.28
CA VAL B 74 26.14 27.24 -2.91
C VAL B 74 25.75 28.40 -2.02
N LEU B 75 24.66 28.24 -1.27
CA LEU B 75 24.18 29.26 -0.35
C LEU B 75 24.34 28.79 1.09
N THR B 76 24.43 29.76 2.00
CA THR B 76 24.40 29.52 3.44
C THR B 76 23.22 30.31 3.99
N LEU B 77 22.15 29.59 4.36
CA LEU B 77 20.94 30.24 4.82
C LEU B 77 21.05 30.63 6.30
N ASP B 78 20.23 31.60 6.69
CA ASP B 78 20.21 32.09 8.07
C ASP B 78 19.00 31.49 8.77
N ARG B 79 19.14 30.23 9.16
CA ARG B 79 18.13 29.54 9.95
C ARG B 79 18.84 28.70 11.01
N ASN B 80 18.11 28.38 12.08
CA ASN B 80 18.72 27.62 13.17
C ASN B 80 18.70 26.12 12.90
N GLU B 81 17.73 25.65 12.12
CA GLU B 81 17.60 24.21 11.89
C GLU B 81 18.63 23.74 10.88
N LYS B 82 19.35 22.68 11.25
CA LYS B 82 20.44 22.16 10.44
C LYS B 82 19.94 21.12 9.45
N PHE B 83 20.58 21.07 8.30
CA PHE B 83 20.26 20.08 7.28
C PHE B 83 20.89 18.74 7.62
N ARG B 84 20.15 17.67 7.37
CA ARG B 84 20.70 16.33 7.51
C ARG B 84 21.85 16.15 6.51
N ASP B 85 23.01 15.73 7.02
CA ASP B 85 24.19 15.58 6.19
C ASP B 85 23.97 14.47 5.17
N ILE B 86 23.89 14.85 3.89
CA ILE B 86 23.71 13.90 2.80
C ILE B 86 24.98 13.79 1.95
N ARG B 87 26.09 14.34 2.42
CA ARG B 87 27.32 14.32 1.62
C ARG B 87 27.81 12.90 1.37
N GLY B 88 27.50 11.97 2.29
CA GLY B 88 27.86 10.58 2.09
C GLY B 88 27.17 9.92 0.91
N PHE B 89 26.02 10.45 0.50
CA PHE B 89 25.28 9.90 -0.62
C PHE B 89 25.72 10.46 -1.98
N ILE B 90 26.48 11.55 -1.98
CA ILE B 90 26.97 12.11 -3.23
C ILE B 90 27.86 11.08 -3.92
N SER B 91 27.52 10.74 -5.16
CA SER B 91 28.20 9.67 -5.88
C SER B 91 28.50 10.08 -7.30
N GLU B 92 29.67 9.70 -7.79
CA GLU B 92 30.06 9.90 -9.17
C GLU B 92 29.84 8.67 -10.03
N ASP B 93 29.37 7.57 -9.44
CA ASP B 93 29.10 6.33 -10.17
C ASP B 93 27.67 6.39 -10.71
N LEU B 94 27.52 7.09 -11.84
CA LEU B 94 26.20 7.34 -12.42
C LEU B 94 25.99 6.68 -13.78
N GLU B 95 27.04 6.13 -14.38
CA GLU B 95 26.95 5.64 -15.75
C GLU B 95 26.01 4.44 -15.84
N GLY B 96 24.92 4.60 -16.58
CA GLY B 96 23.97 3.53 -16.82
C GLY B 96 22.97 3.28 -15.71
N VAL B 97 23.02 4.04 -14.63
CA VAL B 97 22.11 3.83 -13.50
C VAL B 97 20.78 4.50 -13.80
N ASP B 98 19.69 3.78 -13.53
CA ASP B 98 18.35 4.34 -13.66
C ASP B 98 18.14 5.36 -12.57
N ALA B 99 18.19 6.65 -12.93
CA ALA B 99 18.14 7.72 -11.95
C ALA B 99 16.71 8.17 -11.69
N THR B 100 16.57 9.14 -10.80
CA THR B 100 15.27 9.67 -10.39
C THR B 100 15.42 11.14 -10.08
N LEU B 101 14.49 11.96 -10.59
CA LEU B 101 14.50 13.39 -10.34
C LEU B 101 13.44 13.73 -9.30
N VAL B 102 13.86 14.31 -8.20
CA VAL B 102 12.96 14.70 -7.11
C VAL B 102 12.75 16.21 -7.20
N VAL B 103 11.53 16.61 -7.56
CA VAL B 103 11.20 18.02 -7.75
C VAL B 103 10.23 18.44 -6.66
N HIS B 104 10.33 19.71 -6.24
CA HIS B 104 9.45 20.30 -5.23
C HIS B 104 9.41 21.81 -5.47
N SER B 105 8.84 22.20 -6.59
CA SER B 105 8.75 23.62 -6.95
C SER B 105 7.73 23.79 -8.06
N ASN B 106 7.08 24.96 -8.05
CA ASN B 106 6.12 25.37 -9.09
C ASN B 106 5.00 24.33 -9.13
N ASN B 107 4.59 23.85 -10.32
CA ASN B 107 3.54 22.85 -10.43
C ASN B 107 4.06 21.44 -10.28
N PHE B 108 5.16 21.24 -9.57
CA PHE B 108 5.76 19.93 -9.38
C PHE B 108 6.20 19.77 -7.92
N THR B 109 5.25 19.94 -7.01
CA THR B 109 5.50 19.71 -5.59
C THR B 109 5.39 18.23 -5.27
N ASN B 110 6.31 17.74 -4.45
CA ASN B 110 6.34 16.33 -4.03
C ASN B 110 6.35 15.40 -5.24
N THR B 111 7.12 15.77 -6.25
CA THR B 111 7.11 15.07 -7.53
C THR B 111 8.33 14.17 -7.65
N ILE B 112 8.08 12.89 -7.96
CA ILE B 112 9.13 11.90 -8.15
C ILE B 112 9.05 11.42 -9.60
N LEU B 113 10.02 11.83 -10.41
CA LEU B 113 10.05 11.48 -11.83
C LEU B 113 11.14 10.45 -12.08
N GLU B 114 10.88 9.53 -13.01
CA GLU B 114 11.84 8.53 -13.44
C GLU B 114 12.36 8.95 -14.81
N VAL B 115 13.65 9.28 -14.89
CA VAL B 115 14.24 9.83 -16.10
C VAL B 115 14.98 8.78 -16.92
N GLY B 116 15.10 7.55 -16.43
CA GLY B 116 15.80 6.51 -17.14
C GLY B 116 17.28 6.53 -16.85
N PRO B 117 18.09 6.05 -17.80
CA PRO B 117 19.53 5.97 -17.56
C PRO B 117 20.22 7.30 -17.82
N VAL B 118 21.15 7.64 -16.95
CA VAL B 118 21.89 8.90 -17.04
C VAL B 118 23.33 8.61 -17.41
N THR B 119 23.93 9.49 -18.20
CA THR B 119 25.32 9.42 -18.58
C THR B 119 25.94 10.81 -18.47
N MET B 120 27.24 10.84 -18.17
CA MET B 120 27.96 12.11 -18.08
C MET B 120 28.20 12.65 -19.48
N ALA B 121 27.67 13.83 -19.76
CA ALA B 121 27.83 14.46 -21.07
C ALA B 121 29.07 15.34 -21.13
N GLY B 122 29.48 15.92 -20.01
CA GLY B 122 30.69 16.72 -19.97
C GLY B 122 30.42 18.18 -20.28
N LEU B 123 31.17 18.72 -21.23
CA LEU B 123 31.08 20.13 -21.61
C LEU B 123 29.97 20.31 -22.65
N ILE B 124 28.94 21.08 -22.31
CA ILE B 124 27.89 21.43 -23.25
C ILE B 124 27.64 22.93 -23.16
N ASN B 125 26.99 23.46 -24.20
CA ASN B 125 26.65 24.88 -24.27
C ASN B 125 25.25 25.07 -23.70
N LEU B 126 25.17 25.54 -22.46
CA LEU B 126 23.91 25.75 -21.76
C LEU B 126 23.64 27.25 -21.69
N SER B 127 22.60 27.70 -22.38
CA SER B 127 22.20 29.11 -22.42
C SER B 127 23.38 30.00 -22.81
N SER B 128 24.02 29.66 -23.92
CA SER B 128 25.14 30.41 -24.48
C SER B 128 26.32 30.48 -23.52
N THR B 129 26.41 29.51 -22.61
CA THR B 129 27.51 29.47 -21.66
C THR B 129 28.06 28.05 -21.55
N PRO B 130 29.35 27.85 -21.86
CA PRO B 130 29.93 26.49 -21.74
C PRO B 130 29.90 26.01 -20.30
N THR B 131 29.18 24.92 -20.06
CA THR B 131 29.00 24.36 -18.73
C THR B 131 29.57 22.95 -18.70
N ASN B 132 30.40 22.67 -17.70
CA ASN B 132 31.09 21.39 -17.58
C ASN B 132 30.41 20.50 -16.56
N ARG B 133 30.78 19.22 -16.59
CA ARG B 133 30.29 18.22 -15.65
C ARG B 133 28.76 18.14 -15.66
N MET B 134 28.20 17.96 -16.85
CA MET B 134 26.77 17.90 -17.05
C MET B 134 26.33 16.45 -17.24
N ILE B 135 25.38 16.01 -16.42
CA ILE B 135 24.78 14.69 -16.55
C ILE B 135 23.54 14.79 -17.43
N ARG B 136 23.43 13.90 -18.41
CA ARG B 136 22.38 13.96 -19.42
C ARG B 136 21.44 12.78 -19.25
N TYR B 137 20.14 13.06 -19.38
CA TYR B 137 19.11 12.03 -19.36
C TYR B 137 18.08 12.32 -20.45
N ASP B 138 17.66 11.27 -21.16
CA ASP B 138 16.71 11.40 -22.26
C ASP B 138 15.29 11.43 -21.70
N TYR B 139 15.00 12.50 -20.97
CA TYR B 139 13.67 12.74 -20.40
C TYR B 139 13.29 14.18 -20.67
N ALA B 140 12.09 14.39 -21.20
CA ALA B 140 11.62 15.71 -21.59
C ALA B 140 11.27 16.51 -20.33
N THR B 141 12.30 17.07 -19.71
CA THR B 141 12.09 17.94 -18.56
C THR B 141 11.43 19.24 -19.00
N LYS B 142 10.68 19.85 -18.09
CA LYS B 142 9.86 21.01 -18.39
C LYS B 142 10.25 22.18 -17.49
N THR B 143 9.53 23.29 -17.67
CA THR B 143 9.72 24.46 -16.83
C THR B 143 9.24 24.18 -15.41
N GLY B 144 9.86 24.85 -14.46
CA GLY B 144 9.53 24.68 -13.06
C GLY B 144 10.20 23.50 -12.39
N GLN B 145 11.00 22.73 -13.11
CA GLN B 145 11.69 21.57 -12.57
C GLN B 145 13.16 21.84 -12.28
N CYS B 146 13.63 23.06 -12.51
CA CYS B 146 15.02 23.39 -12.23
C CYS B 146 15.30 23.30 -10.74
N GLY B 147 16.44 22.71 -10.40
CA GLY B 147 16.80 22.46 -9.02
C GLY B 147 16.48 21.07 -8.53
N GLY B 148 15.81 20.25 -9.35
CA GLY B 148 15.49 18.90 -8.93
C GLY B 148 16.75 18.08 -8.67
N VAL B 149 16.64 17.17 -7.71
CA VAL B 149 17.78 16.38 -7.25
C VAL B 149 17.84 15.09 -8.05
N LEU B 150 18.82 14.98 -8.94
CA LEU B 150 19.07 13.73 -9.65
C LEU B 150 19.70 12.73 -8.70
N CYS B 151 18.99 11.62 -8.44
CA CYS B 151 19.43 10.70 -7.40
C CYS B 151 18.97 9.29 -7.74
N ALA B 152 19.45 8.35 -6.93
CA ALA B 152 19.03 6.95 -6.97
C ALA B 152 19.07 6.42 -5.54
N THR B 153 18.89 5.11 -5.39
CA THR B 153 18.90 4.49 -4.07
C THR B 153 20.25 4.69 -3.39
N GLY B 154 20.28 5.52 -2.35
CA GLY B 154 21.52 5.78 -1.63
C GLY B 154 22.56 6.53 -2.41
N LYS B 155 22.17 7.21 -3.49
CA LYS B 155 23.12 7.94 -4.33
C LYS B 155 22.49 9.24 -4.77
N ILE B 156 23.27 10.33 -4.66
CA ILE B 156 22.87 11.64 -5.15
C ILE B 156 23.87 12.04 -6.24
N PHE B 157 23.35 12.37 -7.41
CA PHE B 157 24.18 12.61 -8.59
C PHE B 157 24.35 14.09 -8.91
N GLY B 158 23.26 14.85 -8.98
CA GLY B 158 23.40 16.25 -9.33
C GLY B 158 22.09 17.00 -9.18
N ILE B 159 22.08 18.21 -9.73
CA ILE B 159 20.95 19.13 -9.63
C ILE B 159 20.53 19.51 -11.04
N HIS B 160 19.25 19.33 -11.34
CA HIS B 160 18.73 19.66 -12.67
C HIS B 160 18.84 21.14 -12.94
N VAL B 161 19.42 21.49 -14.09
CA VAL B 161 19.68 22.88 -14.42
C VAL B 161 19.07 23.32 -15.74
N GLY B 162 18.78 22.41 -16.67
CA GLY B 162 18.21 22.85 -17.94
C GLY B 162 17.92 21.70 -18.86
N GLY B 163 17.41 22.06 -20.04
CA GLY B 163 17.05 21.09 -21.06
C GLY B 163 16.61 21.82 -22.31
N ASN B 164 16.14 21.03 -23.28
CA ASN B 164 15.74 21.58 -24.58
C ASN B 164 14.40 21.03 -25.04
N GLY B 165 13.55 20.56 -24.12
CA GLY B 165 12.28 19.96 -24.48
C GLY B 165 12.35 18.51 -24.91
N ARG B 166 13.54 17.96 -25.12
CA ARG B 166 13.72 16.57 -25.45
C ARG B 166 14.58 15.84 -24.43
N GLN B 167 15.69 16.43 -24.02
CA GLN B 167 16.56 15.86 -23.00
C GLN B 167 16.67 16.81 -21.82
N GLY B 168 17.10 16.27 -20.68
CA GLY B 168 17.35 17.07 -19.50
C GLY B 168 18.80 17.00 -19.09
N PHE B 169 19.26 17.98 -18.31
CA PHE B 169 20.66 18.04 -17.91
C PHE B 169 20.76 18.42 -16.44
N SER B 170 21.70 17.79 -15.74
CA SER B 170 21.94 18.03 -14.34
C SER B 170 23.40 18.43 -14.12
N ALA B 171 23.61 19.42 -13.26
CA ALA B 171 24.96 19.80 -12.87
C ALA B 171 25.45 18.86 -11.78
N GLN B 172 26.60 18.22 -12.02
CA GLN B 172 27.08 17.18 -11.13
C GLN B 172 27.36 17.73 -9.73
N LEU B 173 27.18 16.87 -8.73
CA LEU B 173 27.47 17.19 -7.33
C LEU B 173 28.69 16.40 -6.89
N LYS B 174 29.65 17.09 -6.28
CA LYS B 174 30.86 16.46 -5.76
C LYS B 174 31.08 16.88 -4.32
N LYS B 175 31.73 16.01 -3.56
CA LYS B 175 32.00 16.30 -2.16
C LYS B 175 32.95 17.49 -2.00
N GLN B 176 33.85 17.68 -2.95
CA GLN B 176 34.84 18.75 -2.87
C GLN B 176 34.20 20.14 -2.93
N TYR B 177 32.93 20.25 -3.33
CA TYR B 177 32.26 21.54 -3.37
C TYR B 177 31.92 22.05 -1.98
N PHE B 178 31.93 21.19 -0.97
CA PHE B 178 31.56 21.58 0.39
C PHE B 178 32.64 21.21 1.39
N PRO C 2 24.47 -9.21 6.59
CA PRO C 2 24.02 -10.10 7.68
C PRO C 2 23.37 -11.39 7.17
N ASN C 3 22.67 -11.32 6.04
CA ASN C 3 22.02 -12.48 5.45
C ASN C 3 22.90 -13.20 4.45
N THR C 4 24.09 -12.69 4.15
CA THR C 4 24.89 -13.22 3.05
C THR C 4 25.44 -14.60 3.37
N GLU C 5 25.96 -14.80 4.60
CA GLU C 5 26.56 -16.08 4.95
C GLU C 5 25.54 -17.21 4.87
N PHE C 6 24.35 -16.99 5.42
CA PHE C 6 23.29 -18.00 5.33
C PHE C 6 22.85 -18.21 3.88
N ALA C 7 22.86 -17.15 3.07
CA ALA C 7 22.50 -17.29 1.66
C ALA C 7 23.56 -18.08 0.90
N LEU C 8 24.85 -17.84 1.21
CA LEU C 8 25.91 -18.58 0.56
C LEU C 8 25.89 -20.06 0.96
N SER C 9 25.47 -20.36 2.19
CA SER C 9 25.37 -21.75 2.60
C SER C 9 24.25 -22.47 1.86
N LEU C 10 23.16 -21.77 1.54
CA LEU C 10 22.08 -22.39 0.78
C LEU C 10 22.49 -22.64 -0.67
N LEU C 11 23.23 -21.70 -1.26
CA LEU C 11 23.69 -21.86 -2.64
C LEU C 11 24.64 -23.04 -2.77
N ARG C 12 25.46 -23.28 -1.75
CA ARG C 12 26.49 -24.30 -1.83
C ARG C 12 25.95 -25.69 -1.50
N LYS C 13 24.99 -25.78 -0.59
CA LYS C 13 24.55 -27.08 -0.07
C LYS C 13 23.14 -27.47 -0.48
N ASN C 14 22.31 -26.54 -0.95
CA ASN C 14 20.90 -26.86 -1.20
C ASN C 14 20.33 -26.29 -2.49
N ILE C 15 20.83 -25.17 -3.00
CA ILE C 15 20.24 -24.51 -4.15
C ILE C 15 20.89 -24.99 -5.43
N MET C 16 20.08 -25.22 -6.46
CA MET C 16 20.57 -25.72 -7.73
C MET C 16 19.72 -25.13 -8.85
N THR C 17 20.14 -25.40 -10.08
CA THR C 17 19.40 -24.98 -11.27
C THR C 17 18.64 -26.17 -11.82
N ILE C 18 17.31 -26.05 -11.88
CA ILE C 18 16.44 -27.11 -12.37
C ILE C 18 15.84 -26.66 -13.69
N THR C 19 16.10 -27.44 -14.75
CA THR C 19 15.63 -27.12 -16.09
C THR C 19 14.56 -28.11 -16.51
N THR C 20 13.40 -27.60 -16.90
CA THR C 20 12.32 -28.40 -17.46
C THR C 20 12.03 -27.91 -18.88
N SER C 21 10.89 -28.37 -19.43
CA SER C 21 10.48 -27.90 -20.75
C SER C 21 10.09 -26.44 -20.74
N LYS C 22 9.84 -25.85 -19.56
CA LYS C 22 9.45 -24.46 -19.43
C LYS C 22 10.62 -23.54 -19.13
N GLY C 23 11.84 -24.07 -19.05
CA GLY C 23 13.03 -23.26 -18.85
C GLY C 23 13.74 -23.61 -17.57
N GLU C 24 14.68 -22.73 -17.18
CA GLU C 24 15.48 -22.93 -15.99
C GLU C 24 14.82 -22.28 -14.78
N PHE C 25 14.87 -22.98 -13.65
CA PHE C 25 14.30 -22.49 -12.40
C PHE C 25 15.28 -22.76 -11.27
N THR C 26 15.18 -21.94 -10.22
CA THR C 26 15.98 -22.17 -9.02
C THR C 26 15.30 -23.25 -8.18
N GLY C 27 16.03 -24.29 -7.84
CA GLY C 27 15.53 -25.41 -7.05
C GLY C 27 16.20 -25.43 -5.69
N LEU C 28 15.37 -25.60 -4.65
CA LEU C 28 15.84 -25.61 -3.27
C LEU C 28 15.76 -27.04 -2.74
N GLY C 29 16.90 -27.61 -2.39
CA GLY C 29 16.91 -28.92 -1.75
C GLY C 29 16.47 -28.80 -0.31
N ILE C 30 15.48 -29.62 0.06
CA ILE C 30 14.87 -29.54 1.38
C ILE C 30 15.56 -30.51 2.33
N HIS C 31 15.54 -31.80 1.99
CA HIS C 31 16.16 -32.84 2.79
C HIS C 31 16.18 -34.13 1.99
N ASP C 32 17.11 -35.01 2.34
CA ASP C 32 17.26 -36.33 1.70
C ASP C 32 17.40 -36.12 0.20
N ARG C 33 16.50 -36.62 -0.64
CA ARG C 33 16.50 -36.35 -2.06
C ARG C 33 15.30 -35.50 -2.47
N VAL C 34 14.74 -34.73 -1.54
CA VAL C 34 13.51 -33.98 -1.75
C VAL C 34 13.86 -32.53 -2.03
N CYS C 35 13.27 -31.97 -3.09
CA CYS C 35 13.46 -30.58 -3.46
C CYS C 35 12.11 -30.00 -3.88
N VAL C 36 12.05 -28.68 -3.97
CA VAL C 36 10.83 -27.96 -4.27
C VAL C 36 11.08 -26.97 -5.39
N ILE C 37 10.17 -26.92 -6.36
CA ILE C 37 10.22 -25.97 -7.47
C ILE C 37 8.84 -25.37 -7.68
N PRO C 38 8.76 -24.22 -8.35
CA PRO C 38 7.45 -23.67 -8.70
C PRO C 38 6.65 -24.63 -9.58
N THR C 39 5.34 -24.67 -9.33
CA THR C 39 4.48 -25.62 -10.05
C THR C 39 4.44 -25.32 -11.54
N HIS C 40 4.45 -24.03 -11.91
CA HIS C 40 4.37 -23.66 -13.31
C HIS C 40 5.61 -24.07 -14.12
N ALA C 41 6.63 -24.63 -13.47
CA ALA C 41 7.74 -25.22 -14.21
C ALA C 41 7.33 -26.52 -14.90
N GLN C 42 6.28 -27.18 -14.40
CA GLN C 42 5.73 -28.42 -14.94
C GLN C 42 6.82 -29.45 -15.21
N PRO C 43 7.46 -29.99 -14.18
CA PRO C 43 8.52 -30.98 -14.39
C PRO C 43 7.95 -32.29 -14.90
N GLY C 44 8.68 -32.90 -15.83
CA GLY C 44 8.31 -34.20 -16.38
C GLY C 44 8.98 -35.34 -15.65
N ASP C 45 9.12 -36.46 -16.36
CA ASP C 45 9.78 -37.63 -15.79
C ASP C 45 11.26 -37.39 -15.57
N ASP C 46 11.86 -36.46 -16.30
CA ASP C 46 13.28 -36.16 -16.19
C ASP C 46 13.47 -34.64 -16.16
N VAL C 47 14.41 -34.18 -15.34
CA VAL C 47 14.79 -32.78 -15.28
C VAL C 47 16.30 -32.68 -15.36
N LEU C 48 16.77 -31.48 -15.65
CA LEU C 48 18.21 -31.18 -15.65
C LEU C 48 18.57 -30.54 -14.32
N VAL C 49 19.46 -31.19 -13.57
CA VAL C 49 19.96 -30.67 -12.31
C VAL C 49 21.35 -30.12 -12.59
N ASN C 50 21.46 -28.79 -12.67
CA ASN C 50 22.69 -28.11 -13.05
C ASN C 50 23.20 -28.61 -14.40
N GLY C 51 22.27 -28.88 -15.31
CA GLY C 51 22.58 -29.36 -16.65
C GLY C 51 22.54 -30.86 -16.82
N GLN C 52 22.50 -31.63 -15.74
CA GLN C 52 22.55 -33.09 -15.82
C GLN C 52 21.16 -33.67 -15.68
N LYS C 53 20.81 -34.56 -16.59
CA LYS C 53 19.50 -35.20 -16.58
C LYS C 53 19.40 -36.15 -15.38
N ILE C 54 18.45 -35.87 -14.49
CA ILE C 54 18.21 -36.68 -13.31
C ILE C 54 16.74 -37.08 -13.28
N ARG C 55 16.48 -38.35 -12.99
CA ARG C 55 15.12 -38.85 -12.99
C ARG C 55 14.35 -38.36 -11.76
N VAL C 56 13.09 -38.03 -11.96
CA VAL C 56 12.20 -37.60 -10.88
C VAL C 56 11.47 -38.84 -10.36
N LYS C 57 11.78 -39.25 -9.13
CA LYS C 57 11.20 -40.46 -8.55
C LYS C 57 9.79 -40.24 -8.03
N ASP C 58 9.43 -39.01 -7.69
CA ASP C 58 8.11 -38.73 -7.13
C ASP C 58 7.80 -37.25 -7.30
N LYS C 59 6.52 -36.96 -7.50
CA LYS C 59 6.06 -35.58 -7.69
C LYS C 59 4.62 -35.46 -7.21
N TYR C 60 4.33 -34.38 -6.49
CA TYR C 60 2.95 -34.06 -6.14
C TYR C 60 2.82 -32.54 -6.02
N LYS C 61 1.79 -32.00 -6.65
CA LYS C 61 1.52 -30.57 -6.56
C LYS C 61 0.80 -30.24 -5.27
N LEU C 62 1.19 -29.14 -4.64
CA LEU C 62 0.69 -28.79 -3.32
C LEU C 62 -0.60 -27.97 -3.44
N VAL C 63 -1.63 -28.44 -2.74
CA VAL C 63 -2.87 -27.69 -2.55
C VAL C 63 -3.17 -27.64 -1.07
N ASP C 64 -3.81 -26.54 -0.64
CA ASP C 64 -4.09 -26.35 0.78
C ASP C 64 -5.35 -27.09 1.18
N PRO C 65 -5.64 -27.18 2.48
CA PRO C 65 -6.87 -27.86 2.91
C PRO C 65 -8.15 -27.31 2.29
N GLU C 66 -8.13 -26.09 1.75
CA GLU C 66 -9.29 -25.54 1.06
C GLU C 66 -9.27 -25.79 -0.44
N ASN C 67 -8.39 -26.68 -0.90
CA ASN C 67 -8.27 -27.02 -2.32
C ASN C 67 -7.90 -25.80 -3.18
N ILE C 68 -7.14 -24.86 -2.60
CA ILE C 68 -6.63 -23.71 -3.33
C ILE C 68 -5.19 -23.99 -3.72
N ASN C 69 -4.83 -23.62 -4.95
CA ASN C 69 -3.49 -23.88 -5.46
C ASN C 69 -2.44 -23.18 -4.60
N LEU C 70 -1.30 -23.84 -4.41
CA LEU C 70 -0.20 -23.28 -3.65
C LEU C 70 1.03 -22.97 -4.50
N GLU C 71 1.00 -23.33 -5.79
CA GLU C 71 2.08 -23.03 -6.73
C GLU C 71 3.42 -23.66 -6.33
N LEU C 72 3.39 -24.69 -5.49
CA LEU C 72 4.59 -25.37 -5.03
C LEU C 72 4.51 -26.83 -5.43
N THR C 73 5.62 -27.35 -5.97
CA THR C 73 5.71 -28.75 -6.38
C THR C 73 6.90 -29.39 -5.69
N VAL C 74 6.66 -30.50 -5.02
CA VAL C 74 7.70 -31.23 -4.29
C VAL C 74 8.20 -32.37 -5.17
N LEU C 75 9.52 -32.45 -5.33
CA LEU C 75 10.14 -33.44 -6.19
C LEU C 75 11.08 -34.33 -5.39
N THR C 76 11.23 -35.57 -5.85
CA THR C 76 12.22 -36.51 -5.33
C THR C 76 13.12 -36.93 -6.49
N LEU C 77 14.39 -36.55 -6.44
CA LEU C 77 15.32 -36.83 -7.52
C LEU C 77 15.93 -38.22 -7.36
N ASP C 78 16.37 -38.79 -8.48
CA ASP C 78 16.99 -40.11 -8.51
C ASP C 78 18.49 -39.92 -8.46
N ARG C 79 19.03 -39.87 -7.23
CA ARG C 79 20.46 -39.73 -7.02
C ARG C 79 20.79 -40.19 -5.62
N ASN C 80 22.06 -40.52 -5.41
CA ASN C 80 22.52 -40.98 -4.11
C ASN C 80 22.98 -39.85 -3.20
N GLU C 81 23.37 -38.70 -3.77
CA GLU C 81 23.77 -37.57 -2.96
C GLU C 81 22.54 -36.96 -2.29
N LYS C 82 22.67 -36.68 -0.99
CA LYS C 82 21.55 -36.21 -0.17
C LYS C 82 21.72 -34.74 0.19
N PHE C 83 20.58 -34.05 0.29
CA PHE C 83 20.58 -32.65 0.65
C PHE C 83 20.83 -32.46 2.14
N ARG C 84 21.35 -31.29 2.49
CA ARG C 84 21.45 -30.91 3.89
C ARG C 84 20.07 -30.54 4.41
N ASP C 85 19.70 -31.11 5.56
CA ASP C 85 18.38 -30.89 6.12
C ASP C 85 18.24 -29.43 6.57
N ILE C 86 17.48 -28.65 5.81
CA ILE C 86 17.24 -27.25 6.13
C ILE C 86 15.82 -27.03 6.64
N ARG C 87 15.10 -28.10 6.99
CA ARG C 87 13.74 -27.96 7.45
C ARG C 87 13.66 -27.21 8.78
N GLY C 88 14.73 -27.21 9.57
CA GLY C 88 14.72 -26.49 10.83
C GLY C 88 14.68 -24.99 10.66
N PHE C 89 15.17 -24.49 9.53
CA PHE C 89 15.18 -23.06 9.27
C PHE C 89 13.87 -22.53 8.70
N ILE C 90 12.94 -23.41 8.33
CA ILE C 90 11.66 -22.97 7.81
C ILE C 90 10.93 -22.19 8.88
N SER C 91 10.67 -20.91 8.62
CA SER C 91 10.11 -20.01 9.61
C SER C 91 8.88 -19.31 9.06
N GLU C 92 7.98 -18.93 9.98
CA GLU C 92 6.80 -18.14 9.66
C GLU C 92 6.87 -16.74 10.25
N ASP C 93 7.96 -16.40 10.93
CA ASP C 93 8.12 -15.10 11.59
C ASP C 93 8.74 -14.13 10.59
N LEU C 94 7.92 -13.21 10.07
CA LEU C 94 8.35 -12.24 9.08
C LEU C 94 8.58 -10.85 9.63
N GLU C 95 8.26 -10.62 10.90
CA GLU C 95 8.27 -9.26 11.44
C GLU C 95 9.71 -8.78 11.67
N GLY C 96 9.99 -7.58 11.18
CA GLY C 96 11.30 -6.98 11.35
C GLY C 96 12.42 -7.70 10.66
N VAL C 97 12.15 -8.33 9.51
CA VAL C 97 13.11 -9.14 8.79
C VAL C 97 13.36 -8.50 7.43
N ASP C 98 14.61 -8.07 7.20
CA ASP C 98 15.05 -7.63 5.89
C ASP C 98 15.46 -8.89 5.12
N ALA C 99 14.54 -9.43 4.34
CA ALA C 99 14.75 -10.72 3.71
C ALA C 99 15.57 -10.58 2.43
N THR C 100 16.09 -11.71 1.97
CA THR C 100 16.86 -11.79 0.74
C THR C 100 16.27 -12.86 -0.17
N LEU C 101 16.46 -12.69 -1.46
CA LEU C 101 16.03 -13.65 -2.47
C LEU C 101 17.27 -14.23 -3.14
N VAL C 102 17.50 -15.53 -2.94
CA VAL C 102 18.67 -16.22 -3.47
C VAL C 102 18.26 -16.95 -4.74
N VAL C 103 18.86 -16.56 -5.87
CA VAL C 103 18.54 -17.11 -7.18
C VAL C 103 19.77 -17.77 -7.76
N HIS C 104 19.57 -18.89 -8.47
CA HIS C 104 20.63 -19.60 -9.17
C HIS C 104 20.02 -20.25 -10.41
N SER C 105 19.67 -19.43 -11.39
CA SER C 105 19.07 -19.91 -12.62
C SER C 105 19.15 -18.82 -13.67
N ASN C 106 19.22 -19.24 -14.93
CA ASN C 106 19.24 -18.34 -16.10
C ASN C 106 20.44 -17.40 -15.95
N ASN C 107 20.26 -16.10 -16.20
CA ASN C 107 21.34 -15.13 -16.10
C ASN C 107 21.57 -14.65 -14.67
N PHE C 108 20.98 -15.30 -13.68
CA PHE C 108 21.12 -14.91 -12.27
C PHE C 108 21.75 -16.07 -11.51
N THR C 109 23.03 -16.32 -11.78
CA THR C 109 23.76 -17.40 -11.13
C THR C 109 24.41 -16.88 -9.85
N ASN C 110 24.22 -17.63 -8.76
CA ASN C 110 24.81 -17.30 -7.46
C ASN C 110 24.52 -15.86 -7.05
N THR C 111 23.27 -15.44 -7.28
CA THR C 111 22.85 -14.07 -6.99
C THR C 111 22.06 -14.01 -5.69
N ILE C 112 22.26 -12.94 -4.94
CA ILE C 112 21.57 -12.70 -3.68
C ILE C 112 20.96 -11.31 -3.75
N LEU C 113 19.64 -11.24 -3.93
CA LEU C 113 18.94 -9.97 -4.04
C LEU C 113 18.40 -9.55 -2.68
N GLU C 114 18.38 -8.24 -2.44
CA GLU C 114 17.86 -7.66 -1.21
C GLU C 114 16.46 -7.12 -1.51
N VAL C 115 15.45 -7.96 -1.25
CA VAL C 115 14.07 -7.60 -1.57
C VAL C 115 13.41 -6.74 -0.50
N GLY C 116 13.99 -6.66 0.69
CA GLY C 116 13.47 -5.82 1.74
C GLY C 116 12.44 -6.53 2.61
N PRO C 117 11.57 -5.77 3.25
CA PRO C 117 10.55 -6.37 4.13
C PRO C 117 9.56 -7.21 3.34
N VAL C 118 9.01 -8.22 4.01
CA VAL C 118 8.08 -9.16 3.40
C VAL C 118 6.83 -9.24 4.26
N THR C 119 5.69 -9.43 3.60
CA THR C 119 4.40 -9.50 4.28
C THR C 119 3.59 -10.66 3.72
N MET C 120 2.69 -11.19 4.54
CA MET C 120 1.75 -12.23 4.11
C MET C 120 0.66 -11.60 3.27
N ALA C 121 0.63 -11.92 1.98
CA ALA C 121 -0.40 -11.39 1.10
C ALA C 121 -1.66 -12.25 1.13
N GLY C 122 -1.52 -13.53 1.41
CA GLY C 122 -2.66 -14.44 1.50
C GLY C 122 -3.06 -14.98 0.14
N LEU C 123 -4.32 -14.73 -0.26
CA LEU C 123 -4.85 -15.22 -1.52
C LEU C 123 -4.57 -14.20 -2.62
N ILE C 124 -3.88 -14.63 -3.68
CA ILE C 124 -3.50 -13.76 -4.78
C ILE C 124 -3.85 -14.45 -6.09
N ASN C 125 -4.46 -13.69 -7.00
CA ASN C 125 -4.78 -14.19 -8.35
C ASN C 125 -3.51 -14.16 -9.18
N LEU C 126 -2.81 -15.29 -9.22
CA LEU C 126 -1.53 -15.41 -9.91
C LEU C 126 -1.71 -16.23 -11.17
N SER C 127 -1.41 -15.62 -12.33
CA SER C 127 -1.54 -16.27 -13.63
C SER C 127 -2.94 -16.84 -13.83
N SER C 128 -3.95 -16.05 -13.44
CA SER C 128 -5.36 -16.41 -13.54
C SER C 128 -5.70 -17.64 -12.71
N THR C 129 -4.89 -17.97 -11.71
CA THR C 129 -5.15 -19.10 -10.82
C THR C 129 -5.07 -18.60 -9.39
N PRO C 130 -6.14 -18.70 -8.60
CA PRO C 130 -6.07 -18.28 -7.20
C PRO C 130 -5.06 -19.10 -6.43
N THR C 131 -4.11 -18.41 -5.82
CA THR C 131 -3.03 -19.04 -5.06
C THR C 131 -3.02 -18.50 -3.64
N ASN C 132 -2.90 -19.40 -2.67
CA ASN C 132 -2.95 -19.04 -1.26
C ASN C 132 -1.55 -19.07 -0.65
N ARG C 133 -1.45 -18.51 0.56
CA ARG C 133 -0.21 -18.46 1.32
C ARG C 133 0.92 -17.77 0.53
N MET C 134 0.58 -16.63 -0.05
CA MET C 134 1.52 -15.85 -0.84
C MET C 134 2.21 -14.81 0.03
N ILE C 135 3.52 -14.67 -0.15
CA ILE C 135 4.33 -13.69 0.55
C ILE C 135 4.73 -12.61 -0.45
N ARG C 136 4.40 -11.36 -0.15
CA ARG C 136 4.65 -10.25 -1.04
C ARG C 136 5.87 -9.45 -0.58
N TYR C 137 6.60 -8.91 -1.55
CA TYR C 137 7.72 -8.02 -1.26
C TYR C 137 7.81 -6.98 -2.37
N ASP C 138 8.11 -5.75 -1.98
CA ASP C 138 8.14 -4.62 -2.91
C ASP C 138 9.51 -4.56 -3.59
N TYR C 139 9.75 -5.55 -4.45
CA TYR C 139 10.97 -5.63 -5.25
C TYR C 139 10.59 -6.04 -6.65
N ALA C 140 11.13 -5.34 -7.65
CA ALA C 140 10.82 -5.60 -9.05
C ALA C 140 11.54 -6.88 -9.48
N THR C 141 10.93 -8.00 -9.13
CA THR C 141 11.47 -9.30 -9.55
C THR C 141 11.30 -9.47 -11.06
N LYS C 142 12.26 -10.14 -11.68
CA LYS C 142 12.38 -10.19 -13.13
C LYS C 142 12.18 -11.60 -13.64
N THR C 143 12.24 -11.73 -14.97
CA THR C 143 12.12 -13.03 -15.62
C THR C 143 13.34 -13.88 -15.32
N GLY C 144 13.12 -15.15 -14.97
CA GLY C 144 14.19 -16.07 -14.69
C GLY C 144 14.58 -16.18 -13.24
N GLN C 145 13.85 -15.52 -12.33
CA GLN C 145 14.12 -15.59 -10.91
C GLN C 145 13.15 -16.50 -10.16
N CYS C 146 12.23 -17.14 -10.87
CA CYS C 146 11.27 -18.02 -10.23
C CYS C 146 11.99 -19.20 -9.58
N GLY C 147 11.50 -19.59 -8.40
CA GLY C 147 12.19 -20.58 -7.59
C GLY C 147 13.19 -20.00 -6.63
N GLY C 148 13.40 -18.68 -6.64
CA GLY C 148 14.35 -18.08 -5.73
C GLY C 148 13.94 -18.28 -4.28
N VAL C 149 14.93 -18.48 -3.42
CA VAL C 149 14.69 -18.78 -2.02
C VAL C 149 14.56 -17.47 -1.25
N LEU C 150 13.36 -17.20 -0.74
CA LEU C 150 13.14 -16.08 0.15
C LEU C 150 13.56 -16.47 1.56
N CYS C 151 14.56 -15.78 2.11
CA CYS C 151 15.16 -16.23 3.35
C CYS C 151 15.86 -15.06 4.05
N ALA C 152 16.36 -15.33 5.25
CA ALA C 152 17.20 -14.42 6.00
C ALA C 152 18.11 -15.28 6.88
N THR C 153 18.85 -14.64 7.79
CA THR C 153 19.76 -15.35 8.66
C THR C 153 19.00 -16.36 9.52
N GLY C 154 19.26 -17.65 9.31
CA GLY C 154 18.62 -18.69 10.10
C GLY C 154 17.14 -18.86 9.85
N LYS C 155 16.63 -18.38 8.72
CA LYS C 155 15.21 -18.46 8.43
C LYS C 155 15.01 -18.68 6.93
N ILE C 156 14.07 -19.57 6.60
CA ILE C 156 13.65 -19.80 5.22
C ILE C 156 12.15 -19.56 5.15
N PHE C 157 11.72 -18.66 4.27
CA PHE C 157 10.35 -18.18 4.25
C PHE C 157 9.52 -18.78 3.11
N GLY C 158 10.06 -18.80 1.90
CA GLY C 158 9.27 -19.31 0.79
C GLY C 158 10.07 -19.42 -0.48
N ILE C 159 9.35 -19.63 -1.58
CA ILE C 159 9.92 -19.84 -2.90
C ILE C 159 9.24 -18.89 -3.87
N HIS C 160 10.03 -18.08 -4.57
CA HIS C 160 9.48 -17.08 -5.47
C HIS C 160 8.78 -17.75 -6.66
N VAL C 161 7.57 -17.29 -6.96
CA VAL C 161 6.78 -17.88 -8.04
C VAL C 161 6.24 -16.88 -9.03
N GLY C 162 6.16 -15.59 -8.72
CA GLY C 162 5.60 -14.67 -9.69
C GLY C 162 5.72 -13.23 -9.26
N GLY C 163 5.30 -12.35 -10.17
CA GLY C 163 5.34 -10.91 -9.93
C GLY C 163 4.68 -10.19 -11.09
N ASN C 164 4.68 -8.86 -11.00
CA ASN C 164 4.02 -8.02 -12.00
C ASN C 164 4.91 -6.94 -12.60
N GLY C 165 6.17 -6.85 -12.18
CA GLY C 165 7.08 -5.82 -12.64
C GLY C 165 7.44 -4.80 -11.57
N ARG C 166 6.64 -4.68 -10.52
CA ARG C 166 6.93 -3.82 -9.38
C ARG C 166 7.01 -4.57 -8.06
N GLN C 167 6.30 -5.68 -7.92
CA GLN C 167 6.32 -6.49 -6.72
C GLN C 167 6.55 -7.95 -7.09
N GLY C 168 6.94 -8.74 -6.08
CA GLY C 168 7.14 -10.15 -6.27
C GLY C 168 6.38 -10.94 -5.22
N PHE C 169 6.17 -12.22 -5.52
CA PHE C 169 5.40 -13.12 -4.66
C PHE C 169 6.15 -14.42 -4.48
N SER C 170 6.22 -14.88 -3.23
CA SER C 170 6.87 -16.13 -2.88
C SER C 170 5.83 -17.10 -2.30
N ALA C 171 5.93 -18.36 -2.68
CA ALA C 171 5.06 -19.40 -2.14
C ALA C 171 5.61 -19.86 -0.81
N GLN C 172 4.79 -19.74 0.25
CA GLN C 172 5.25 -20.02 1.59
C GLN C 172 5.68 -21.48 1.74
N LEU C 173 6.84 -21.69 2.37
CA LEU C 173 7.32 -23.02 2.69
C LEU C 173 6.90 -23.38 4.11
N LYS C 174 6.37 -24.60 4.27
CA LYS C 174 5.90 -25.08 5.56
C LYS C 174 6.47 -26.47 5.81
N LYS C 175 6.79 -26.76 7.08
CA LYS C 175 7.38 -28.04 7.42
C LYS C 175 6.42 -29.20 7.15
N GLN C 176 5.11 -28.95 7.24
CA GLN C 176 4.13 -30.01 6.99
C GLN C 176 4.06 -30.44 5.53
N TYR C 177 4.76 -29.74 4.63
CA TYR C 177 4.80 -30.16 3.24
C TYR C 177 5.73 -31.36 3.02
N PHE C 178 6.55 -31.70 4.00
CA PHE C 178 7.58 -32.73 3.86
C PHE C 178 7.45 -33.78 4.96
N VAL C 179 6.22 -34.20 5.26
CA VAL C 179 6.01 -35.22 6.28
C VAL C 179 5.43 -36.49 5.66
N ASN D 3 -31.82 8.05 -2.86
CA ASN D 3 -31.37 6.66 -2.88
C ASN D 3 -32.48 5.73 -2.40
N THR D 4 -33.21 6.16 -1.38
CA THR D 4 -34.32 5.36 -0.86
C THR D 4 -35.41 5.20 -1.91
N GLU D 5 -35.65 6.23 -2.72
CA GLU D 5 -36.66 6.14 -3.78
C GLU D 5 -36.37 4.97 -4.72
N PHE D 6 -35.14 4.93 -5.27
CA PHE D 6 -34.80 3.87 -6.19
C PHE D 6 -34.79 2.51 -5.52
N ALA D 7 -34.43 2.45 -4.23
CA ALA D 7 -34.47 1.19 -3.50
C ALA D 7 -35.90 0.75 -3.27
N LEU D 8 -36.81 1.68 -2.98
CA LEU D 8 -38.21 1.34 -2.77
C LEU D 8 -38.84 0.83 -4.07
N SER D 9 -38.49 1.43 -5.21
CA SER D 9 -39.03 0.99 -6.48
C SER D 9 -38.53 -0.41 -6.84
N LEU D 10 -37.28 -0.73 -6.49
CA LEU D 10 -36.77 -2.07 -6.72
C LEU D 10 -37.50 -3.11 -5.86
N LEU D 11 -37.91 -2.71 -4.65
CA LEU D 11 -38.69 -3.61 -3.80
C LEU D 11 -40.08 -3.83 -4.35
N ARG D 12 -40.67 -2.82 -4.98
CA ARG D 12 -42.06 -2.90 -5.42
C ARG D 12 -42.23 -3.76 -6.66
N LYS D 13 -41.22 -3.81 -7.54
CA LYS D 13 -41.38 -4.40 -8.85
C LYS D 13 -40.39 -5.50 -9.19
N ASN D 14 -39.36 -5.73 -8.37
CA ASN D 14 -38.30 -6.65 -8.79
C ASN D 14 -37.82 -7.56 -7.67
N ILE D 15 -37.55 -7.00 -6.50
CA ILE D 15 -36.98 -7.78 -5.41
C ILE D 15 -38.06 -8.69 -4.83
N MET D 16 -37.73 -9.98 -4.69
CA MET D 16 -38.64 -10.97 -4.17
C MET D 16 -37.93 -11.84 -3.13
N THR D 17 -38.74 -12.58 -2.38
CA THR D 17 -38.23 -13.55 -1.41
C THR D 17 -38.22 -14.92 -2.05
N ILE D 18 -37.04 -15.53 -2.14
CA ILE D 18 -36.87 -16.84 -2.75
C ILE D 18 -36.41 -17.82 -1.68
N THR D 19 -37.17 -18.90 -1.49
CA THR D 19 -36.85 -19.92 -0.49
C THR D 19 -36.41 -21.19 -1.20
N THR D 20 -35.26 -21.73 -0.79
CA THR D 20 -34.75 -23.00 -1.26
C THR D 20 -34.65 -23.96 -0.07
N SER D 21 -34.00 -25.10 -0.31
CA SER D 21 -33.77 -26.03 0.80
C SER D 21 -32.79 -25.46 1.83
N LYS D 22 -31.99 -24.48 1.44
CA LYS D 22 -31.03 -23.85 2.35
C LYS D 22 -31.63 -22.71 3.15
N GLY D 23 -32.86 -22.29 2.86
CA GLY D 23 -33.52 -21.27 3.63
C GLY D 23 -34.04 -20.17 2.74
N GLU D 24 -34.27 -19.01 3.36
CA GLU D 24 -34.84 -17.85 2.68
C GLU D 24 -33.72 -16.93 2.19
N PHE D 25 -33.85 -16.46 0.95
CA PHE D 25 -32.88 -15.55 0.36
C PHE D 25 -33.60 -14.46 -0.41
N THR D 26 -32.94 -13.31 -0.55
CA THR D 26 -33.48 -12.22 -1.35
C THR D 26 -33.20 -12.47 -2.82
N GLY D 27 -34.24 -12.42 -3.64
CA GLY D 27 -34.13 -12.65 -5.07
C GLY D 27 -34.33 -11.34 -5.83
N LEU D 28 -33.60 -11.19 -6.93
CA LEU D 28 -33.65 -9.99 -7.75
C LEU D 28 -34.14 -10.34 -9.14
N GLY D 29 -35.27 -9.76 -9.55
CA GLY D 29 -35.77 -9.93 -10.89
C GLY D 29 -35.00 -9.10 -11.89
N ILE D 30 -34.40 -9.74 -12.89
CA ILE D 30 -33.58 -9.05 -13.88
C ILE D 30 -34.42 -8.65 -15.08
N HIS D 31 -34.92 -9.65 -15.81
CA HIS D 31 -35.74 -9.41 -17.00
C HIS D 31 -36.37 -10.74 -17.39
N ASP D 32 -37.52 -10.65 -18.08
CA ASP D 32 -38.27 -11.81 -18.54
C ASP D 32 -38.58 -12.66 -17.32
N ARG D 33 -38.08 -13.89 -17.20
CA ARG D 33 -38.18 -14.69 -15.99
C ARG D 33 -36.81 -14.98 -15.39
N VAL D 34 -35.82 -14.16 -15.70
CA VAL D 34 -34.45 -14.36 -15.24
C VAL D 34 -34.28 -13.65 -13.91
N CYS D 35 -33.81 -14.38 -12.90
CA CYS D 35 -33.52 -13.81 -11.59
C CYS D 35 -32.20 -14.37 -11.09
N VAL D 36 -31.62 -13.69 -10.11
CA VAL D 36 -30.33 -14.06 -9.55
C VAL D 36 -30.47 -14.30 -8.06
N ILE D 37 -29.55 -15.12 -7.54
CA ILE D 37 -29.57 -15.55 -6.14
C ILE D 37 -28.17 -16.05 -5.81
N PRO D 38 -27.68 -15.87 -4.58
CA PRO D 38 -26.38 -16.42 -4.22
C PRO D 38 -26.31 -17.92 -4.48
N THR D 39 -25.13 -18.37 -4.93
CA THR D 39 -24.97 -19.76 -5.31
C THR D 39 -25.12 -20.70 -4.11
N HIS D 40 -24.70 -20.25 -2.92
CA HIS D 40 -24.80 -21.10 -1.73
C HIS D 40 -26.24 -21.35 -1.32
N ALA D 41 -27.22 -20.67 -1.93
CA ALA D 41 -28.62 -21.01 -1.70
C ALA D 41 -28.98 -22.36 -2.28
N GLN D 42 -28.26 -22.82 -3.29
CA GLN D 42 -28.45 -24.14 -3.89
C GLN D 42 -29.91 -24.42 -4.24
N PRO D 43 -30.50 -23.65 -5.15
CA PRO D 43 -31.90 -23.91 -5.52
C PRO D 43 -32.04 -25.20 -6.32
N GLY D 44 -33.08 -25.94 -6.02
CA GLY D 44 -33.36 -27.21 -6.67
C GLY D 44 -34.22 -27.06 -7.90
N ASP D 45 -34.98 -28.11 -8.20
CA ASP D 45 -35.88 -28.08 -9.35
C ASP D 45 -37.08 -27.18 -9.11
N ASP D 46 -37.38 -26.85 -7.85
CA ASP D 46 -38.49 -25.97 -7.51
C ASP D 46 -38.06 -25.04 -6.39
N VAL D 47 -38.56 -23.81 -6.42
CA VAL D 47 -38.28 -22.81 -5.40
C VAL D 47 -39.58 -22.14 -4.99
N LEU D 48 -39.54 -21.50 -3.83
CA LEU D 48 -40.66 -20.71 -3.33
C LEU D 48 -40.40 -19.25 -3.66
N VAL D 49 -41.28 -18.68 -4.48
CA VAL D 49 -41.20 -17.27 -4.86
C VAL D 49 -42.30 -16.53 -4.10
N ASN D 50 -41.89 -15.78 -3.06
CA ASN D 50 -42.83 -15.07 -2.19
C ASN D 50 -43.84 -16.04 -1.57
N GLY D 51 -43.38 -17.25 -1.23
CA GLY D 51 -44.22 -18.25 -0.64
C GLY D 51 -44.94 -19.16 -1.61
N GLN D 52 -44.81 -18.92 -2.92
CA GLN D 52 -45.48 -19.70 -3.94
C GLN D 52 -44.47 -20.63 -4.62
N LYS D 53 -44.83 -21.91 -4.75
CA LYS D 53 -43.94 -22.88 -5.38
C LYS D 53 -43.84 -22.59 -6.87
N ILE D 54 -42.63 -22.23 -7.31
CA ILE D 54 -42.37 -21.91 -8.72
C ILE D 54 -41.30 -22.86 -9.23
N ARG D 55 -41.57 -23.46 -10.39
CA ARG D 55 -40.65 -24.41 -10.98
C ARG D 55 -39.49 -23.68 -11.67
N VAL D 56 -38.28 -24.23 -11.53
CA VAL D 56 -37.09 -23.64 -12.13
C VAL D 56 -36.89 -24.25 -13.51
N LYS D 57 -36.80 -23.40 -14.53
CA LYS D 57 -36.62 -23.86 -15.90
C LYS D 57 -35.16 -23.89 -16.34
N ASP D 58 -34.30 -23.10 -15.70
CA ASP D 58 -32.89 -23.06 -16.07
C ASP D 58 -32.08 -22.52 -14.90
N LYS D 59 -30.88 -23.08 -14.72
CA LYS D 59 -29.99 -22.65 -13.66
C LYS D 59 -28.56 -22.63 -14.18
N TYR D 60 -27.88 -21.50 -14.00
CA TYR D 60 -26.49 -21.34 -14.43
C TYR D 60 -25.69 -20.78 -13.25
N LYS D 61 -24.74 -21.58 -12.76
CA LYS D 61 -23.80 -21.12 -11.75
C LYS D 61 -22.68 -20.36 -12.45
N LEU D 62 -22.55 -19.08 -12.13
CA LEU D 62 -21.66 -18.19 -12.89
C LEU D 62 -20.21 -18.42 -12.49
N VAL D 63 -19.36 -18.69 -13.48
CA VAL D 63 -17.93 -18.81 -13.31
C VAL D 63 -17.25 -17.81 -14.23
N ASP D 64 -16.20 -17.15 -13.73
CA ASP D 64 -15.52 -16.11 -14.47
C ASP D 64 -14.72 -16.72 -15.63
N PRO D 65 -14.25 -15.91 -16.58
CA PRO D 65 -13.44 -16.47 -17.68
C PRO D 65 -12.16 -17.15 -17.22
N GLU D 66 -11.65 -16.83 -16.03
CA GLU D 66 -10.46 -17.48 -15.50
C GLU D 66 -10.78 -18.68 -14.61
N ASN D 67 -12.00 -19.21 -14.71
CA ASN D 67 -12.44 -20.39 -13.97
C ASN D 67 -12.40 -20.15 -12.46
N ILE D 68 -12.85 -18.97 -12.03
CA ILE D 68 -13.02 -18.64 -10.62
C ILE D 68 -14.51 -18.55 -10.33
N ASN D 69 -14.92 -19.07 -9.18
CA ASN D 69 -16.31 -18.97 -8.77
C ASN D 69 -16.71 -17.50 -8.61
N LEU D 70 -17.95 -17.19 -8.99
CA LEU D 70 -18.50 -15.86 -8.84
C LEU D 70 -19.60 -15.78 -7.79
N GLU D 71 -20.00 -16.92 -7.21
CA GLU D 71 -20.99 -17.00 -6.15
C GLU D 71 -22.35 -16.42 -6.56
N LEU D 72 -22.62 -16.37 -7.86
CA LEU D 72 -23.90 -15.87 -8.37
C LEU D 72 -24.53 -16.93 -9.26
N THR D 73 -25.83 -17.15 -9.08
CA THR D 73 -26.57 -18.15 -9.83
C THR D 73 -27.73 -17.47 -10.56
N VAL D 74 -27.82 -17.72 -11.86
CA VAL D 74 -28.87 -17.15 -12.70
C VAL D 74 -30.00 -18.16 -12.81
N LEU D 75 -31.20 -17.77 -12.42
CA LEU D 75 -32.36 -18.64 -12.40
C LEU D 75 -33.38 -18.17 -13.42
N THR D 76 -33.93 -19.11 -14.20
CA THR D 76 -35.02 -18.84 -15.13
C THR D 76 -36.25 -19.56 -14.60
N LEU D 77 -37.23 -18.78 -14.15
CA LEU D 77 -38.42 -19.35 -13.55
C LEU D 77 -39.41 -19.82 -14.62
N ASP D 78 -40.23 -20.80 -14.25
CA ASP D 78 -41.27 -21.32 -15.14
C ASP D 78 -42.63 -20.77 -14.71
N ARG D 79 -42.82 -19.48 -14.99
CA ARG D 79 -44.06 -18.79 -14.66
C ARG D 79 -44.45 -17.90 -15.82
N ASN D 80 -45.57 -17.19 -15.66
CA ASN D 80 -46.11 -16.31 -16.70
C ASN D 80 -45.73 -14.85 -16.52
N GLU D 81 -45.66 -14.38 -15.27
CA GLU D 81 -45.35 -12.98 -15.03
C GLU D 81 -43.91 -12.66 -15.43
N LYS D 82 -43.73 -11.50 -16.06
CA LYS D 82 -42.43 -11.08 -16.55
C LYS D 82 -41.84 -10.01 -15.62
N PHE D 83 -40.54 -10.09 -15.38
CA PHE D 83 -39.85 -9.11 -14.56
C PHE D 83 -39.66 -7.81 -15.33
N ARG D 84 -39.66 -6.70 -14.60
CA ARG D 84 -39.31 -5.42 -15.19
C ARG D 84 -37.84 -5.41 -15.56
N ASP D 85 -37.53 -4.96 -16.77
CA ASP D 85 -36.14 -4.96 -17.24
C ASP D 85 -35.35 -3.88 -16.51
N ILE D 86 -34.36 -4.30 -15.74
CA ILE D 86 -33.51 -3.41 -14.97
C ILE D 86 -32.05 -3.47 -15.40
N ARG D 87 -31.77 -4.16 -16.51
CA ARG D 87 -30.38 -4.32 -16.95
C ARG D 87 -29.73 -2.98 -17.28
N GLY D 88 -30.53 -1.98 -17.64
CA GLY D 88 -30.00 -0.64 -17.87
C GLY D 88 -29.44 0.01 -16.62
N PHE D 89 -29.87 -0.42 -15.44
CA PHE D 89 -29.37 0.11 -14.19
C PHE D 89 -28.12 -0.61 -13.68
N ILE D 90 -27.73 -1.71 -14.32
CA ILE D 90 -26.52 -2.41 -13.93
C ILE D 90 -25.31 -1.55 -14.28
N SER D 91 -24.52 -1.22 -13.27
CA SER D 91 -23.41 -0.29 -13.43
C SER D 91 -22.14 -0.87 -12.83
N GLU D 92 -21.01 -0.55 -13.45
CA GLU D 92 -19.69 -0.93 -12.95
C GLU D 92 -18.95 0.24 -12.31
N ASP D 93 -19.51 1.45 -12.37
CA ASP D 93 -18.89 2.63 -11.77
C ASP D 93 -19.35 2.73 -10.32
N LEU D 94 -18.66 1.98 -9.45
CA LEU D 94 -19.05 1.87 -8.06
C LEU D 94 -18.01 2.39 -7.08
N GLU D 95 -16.79 2.71 -7.53
CA GLU D 95 -15.69 3.06 -6.64
C GLU D 95 -16.03 4.26 -5.77
N GLY D 96 -16.15 4.02 -4.46
CA GLY D 96 -16.42 5.08 -3.51
C GLY D 96 -17.87 5.51 -3.41
N VAL D 97 -18.79 4.79 -4.06
CA VAL D 97 -20.18 5.18 -4.09
C VAL D 97 -20.84 4.84 -2.75
N ASP D 98 -21.59 5.79 -2.20
CA ASP D 98 -22.39 5.53 -1.01
C ASP D 98 -23.56 4.62 -1.38
N ALA D 99 -23.36 3.31 -1.32
CA ALA D 99 -24.33 2.36 -1.80
C ALA D 99 -25.39 2.05 -0.74
N THR D 100 -26.39 1.28 -1.14
CA THR D 100 -27.50 0.91 -0.28
C THR D 100 -27.86 -0.55 -0.54
N LEU D 101 -27.99 -1.33 0.53
CA LEU D 101 -28.36 -2.74 0.43
C LEU D 101 -29.85 -2.88 0.67
N VAL D 102 -30.54 -3.50 -0.27
CA VAL D 102 -31.99 -3.71 -0.20
C VAL D 102 -32.23 -5.20 0.01
N VAL D 103 -32.72 -5.55 1.20
CA VAL D 103 -32.98 -6.93 1.57
C VAL D 103 -34.48 -7.14 1.72
N HIS D 104 -34.92 -8.37 1.45
CA HIS D 104 -36.32 -8.75 1.55
C HIS D 104 -36.37 -10.26 1.80
N SER D 105 -35.86 -10.68 2.96
CA SER D 105 -35.77 -12.09 3.30
C SER D 105 -35.60 -12.23 4.80
N ASN D 106 -36.08 -13.35 5.33
CA ASN D 106 -35.93 -13.73 6.74
C ASN D 106 -36.51 -12.63 7.60
N ASN D 107 -35.80 -12.14 8.63
CA ASN D 107 -36.29 -11.07 9.48
C ASN D 107 -35.92 -9.69 8.96
N PHE D 108 -35.44 -9.59 7.72
CA PHE D 108 -35.11 -8.30 7.13
C PHE D 108 -35.91 -8.09 5.84
N THR D 109 -37.23 -8.03 5.96
CA THR D 109 -38.10 -7.81 4.82
C THR D 109 -38.37 -6.32 4.64
N ASN D 110 -38.40 -5.89 3.37
CA ASN D 110 -38.58 -4.47 3.02
C ASN D 110 -37.53 -3.62 3.70
N THR D 111 -36.32 -4.16 3.82
CA THR D 111 -35.24 -3.54 4.58
C THR D 111 -34.31 -2.78 3.63
N ILE D 112 -34.00 -1.54 3.99
CA ILE D 112 -33.12 -0.68 3.22
C ILE D 112 -31.95 -0.30 4.13
N LEU D 113 -30.79 -0.89 3.89
CA LEU D 113 -29.61 -0.66 4.71
C LEU D 113 -28.66 0.29 4.00
N GLU D 114 -28.15 1.28 4.73
CA GLU D 114 -27.15 2.21 4.22
C GLU D 114 -25.78 1.68 4.62
N VAL D 115 -25.14 0.92 3.71
CA VAL D 115 -23.88 0.23 4.03
C VAL D 115 -22.66 1.11 3.84
N GLY D 116 -22.81 2.33 3.30
CA GLY D 116 -21.71 3.23 3.16
C GLY D 116 -20.97 3.07 1.85
N PRO D 117 -19.71 3.52 1.81
CA PRO D 117 -18.95 3.44 0.55
C PRO D 117 -18.54 2.02 0.23
N VAL D 118 -18.48 1.74 -1.07
CA VAL D 118 -18.11 0.41 -1.56
C VAL D 118 -16.84 0.54 -2.41
N THR D 119 -16.18 -0.61 -2.61
CA THR D 119 -14.98 -0.67 -3.42
C THR D 119 -14.85 -2.07 -3.99
N MET D 120 -14.13 -2.18 -5.09
CA MET D 120 -13.91 -3.47 -5.76
C MET D 120 -12.76 -4.19 -5.07
N ALA D 121 -13.10 -5.17 -4.22
CA ALA D 121 -12.06 -5.93 -3.53
C ALA D 121 -11.40 -6.93 -4.47
N GLY D 122 -12.15 -7.48 -5.41
CA GLY D 122 -11.59 -8.42 -6.38
C GLY D 122 -11.75 -9.87 -5.90
N LEU D 123 -10.62 -10.57 -5.77
CA LEU D 123 -10.62 -11.97 -5.38
C LEU D 123 -10.49 -12.09 -3.87
N ILE D 124 -11.49 -12.70 -3.23
CA ILE D 124 -11.45 -12.99 -1.80
C ILE D 124 -11.75 -14.47 -1.60
N ASN D 125 -11.36 -14.97 -0.43
CA ASN D 125 -11.63 -16.35 -0.05
C ASN D 125 -12.94 -16.39 0.71
N LEU D 126 -14.04 -16.60 -0.02
CA LEU D 126 -15.38 -16.62 0.56
C LEU D 126 -15.76 -18.06 0.86
N SER D 127 -15.85 -18.40 2.14
CA SER D 127 -16.24 -19.74 2.59
C SER D 127 -15.31 -20.80 2.01
N SER D 128 -14.01 -20.55 2.11
CA SER D 128 -12.95 -21.44 1.61
C SER D 128 -13.05 -21.67 0.11
N THR D 129 -13.74 -20.81 -0.61
CA THR D 129 -13.88 -20.90 -2.06
C THR D 129 -13.43 -19.57 -2.68
N PRO D 130 -12.34 -19.55 -3.45
CA PRO D 130 -11.91 -18.30 -4.07
C PRO D 130 -12.99 -17.74 -4.98
N THR D 131 -13.38 -16.50 -4.72
CA THR D 131 -14.46 -15.84 -5.45
C THR D 131 -13.95 -14.52 -6.01
N ASN D 132 -14.21 -14.29 -7.29
CA ASN D 132 -13.75 -13.10 -7.98
C ASN D 132 -14.88 -12.08 -8.12
N ARG D 133 -14.50 -10.85 -8.47
CA ARG D 133 -15.45 -9.75 -8.69
C ARG D 133 -16.29 -9.49 -7.44
N MET D 134 -15.60 -9.33 -6.31
CA MET D 134 -16.26 -9.09 -5.02
C MET D 134 -16.22 -7.61 -4.70
N ILE D 135 -17.36 -7.07 -4.26
CA ILE D 135 -17.48 -5.69 -3.84
C ILE D 135 -17.56 -5.66 -2.33
N ARG D 136 -16.66 -4.92 -1.69
CA ARG D 136 -16.59 -4.87 -0.23
C ARG D 136 -17.17 -3.58 0.30
N TYR D 137 -17.90 -3.68 1.41
CA TYR D 137 -18.37 -2.52 2.16
C TYR D 137 -18.14 -2.78 3.63
N ASP D 138 -17.83 -1.73 4.37
CA ASP D 138 -17.55 -1.84 5.80
C ASP D 138 -18.86 -1.66 6.58
N TYR D 139 -19.70 -2.69 6.49
CA TYR D 139 -20.98 -2.74 7.19
C TYR D 139 -21.19 -4.13 7.74
N ALA D 140 -21.69 -4.21 8.97
CA ALA D 140 -21.88 -5.49 9.66
C ALA D 140 -23.15 -6.15 9.13
N THR D 141 -23.04 -6.75 7.96
CA THR D 141 -24.14 -7.53 7.41
C THR D 141 -24.33 -8.82 8.20
N LYS D 142 -25.57 -9.27 8.28
CA LYS D 142 -25.96 -10.36 9.18
C LYS D 142 -26.57 -11.50 8.38
N THR D 143 -26.43 -12.72 8.91
CA THR D 143 -27.08 -13.88 8.33
C THR D 143 -28.56 -13.62 8.11
N GLY D 144 -29.09 -14.14 7.01
CA GLY D 144 -30.45 -13.86 6.59
C GLY D 144 -30.58 -12.70 5.64
N GLN D 145 -29.49 -12.00 5.33
CA GLN D 145 -29.51 -10.89 4.40
C GLN D 145 -28.88 -11.22 3.06
N CYS D 146 -28.48 -12.47 2.84
CA CYS D 146 -27.87 -12.85 1.58
C CYS D 146 -28.85 -12.72 0.44
N GLY D 147 -28.37 -12.22 -0.70
CA GLY D 147 -29.21 -11.88 -1.81
C GLY D 147 -29.57 -10.41 -1.89
N GLY D 148 -29.26 -9.63 -0.86
CA GLY D 148 -29.59 -8.22 -0.88
C GLY D 148 -28.92 -7.51 -2.03
N VAL D 149 -29.64 -6.56 -2.61
CA VAL D 149 -29.22 -5.88 -3.84
C VAL D 149 -28.40 -4.65 -3.46
N LEU D 150 -27.11 -4.67 -3.79
CA LEU D 150 -26.23 -3.53 -3.59
C LEU D 150 -26.48 -2.55 -4.73
N CYS D 151 -27.02 -1.38 -4.42
CA CYS D 151 -27.46 -0.45 -5.45
C CYS D 151 -27.33 0.99 -4.97
N ALA D 152 -27.42 1.90 -5.93
CA ALA D 152 -27.53 3.33 -5.67
C ALA D 152 -28.60 3.88 -6.61
N THR D 153 -28.81 5.19 -6.56
CA THR D 153 -29.81 5.83 -7.40
C THR D 153 -29.52 5.59 -8.88
N GLY D 154 -30.35 4.79 -9.53
CA GLY D 154 -30.14 4.46 -10.93
C GLY D 154 -28.96 3.56 -11.22
N LYS D 155 -28.38 2.95 -10.18
CA LYS D 155 -27.23 2.07 -10.34
C LYS D 155 -27.47 0.80 -9.55
N ILE D 156 -27.19 -0.35 -10.17
CA ILE D 156 -27.25 -1.64 -9.51
C ILE D 156 -25.88 -2.29 -9.61
N PHE D 157 -25.27 -2.56 -8.47
CA PHE D 157 -23.87 -3.00 -8.42
C PHE D 157 -23.73 -4.51 -8.30
N GLY D 158 -24.42 -5.13 -7.35
CA GLY D 158 -24.25 -6.56 -7.18
C GLY D 158 -25.25 -7.13 -6.20
N ILE D 159 -24.98 -8.37 -5.80
CA ILE D 159 -25.86 -9.15 -4.93
C ILE D 159 -25.06 -9.60 -3.71
N HIS D 160 -25.57 -9.30 -2.52
CA HIS D 160 -24.87 -9.66 -1.30
C HIS D 160 -24.75 -11.17 -1.16
N VAL D 161 -23.54 -11.65 -0.86
CA VAL D 161 -23.28 -13.08 -0.78
C VAL D 161 -22.61 -13.51 0.51
N GLY D 162 -21.96 -12.62 1.25
CA GLY D 162 -21.30 -13.07 2.47
C GLY D 162 -20.67 -11.92 3.23
N GLY D 163 -20.10 -12.27 4.38
CA GLY D 163 -19.45 -11.31 5.24
C GLY D 163 -18.82 -12.01 6.42
N ASN D 164 -18.20 -11.22 7.30
CA ASN D 164 -17.48 -11.76 8.44
C ASN D 164 -17.90 -11.14 9.77
N GLY D 165 -18.98 -10.36 9.80
CA GLY D 165 -19.42 -9.67 10.99
C GLY D 165 -18.98 -8.23 11.07
N ARG D 166 -17.94 -7.85 10.33
CA ARG D 166 -17.50 -6.46 10.25
C ARG D 166 -17.56 -5.89 8.85
N GLN D 167 -17.39 -6.71 7.82
CA GLN D 167 -17.51 -6.28 6.44
C GLN D 167 -18.45 -7.22 5.71
N GLY D 168 -19.01 -6.72 4.59
CA GLY D 168 -19.85 -7.52 3.75
C GLY D 168 -19.36 -7.50 2.32
N PHE D 169 -19.77 -8.51 1.56
CA PHE D 169 -19.29 -8.69 0.20
C PHE D 169 -20.45 -8.99 -0.75
N SER D 170 -20.40 -8.39 -1.93
CA SER D 170 -21.43 -8.55 -2.95
C SER D 170 -20.79 -9.08 -4.23
N ALA D 171 -21.43 -10.07 -4.84
CA ALA D 171 -21.00 -10.55 -6.15
C ALA D 171 -21.45 -9.56 -7.22
N GLN D 172 -20.49 -9.09 -8.02
CA GLN D 172 -20.79 -8.06 -9.00
C GLN D 172 -21.80 -8.53 -10.02
N LEU D 173 -22.75 -7.68 -10.35
CA LEU D 173 -23.70 -7.93 -11.42
C LEU D 173 -23.18 -7.33 -12.71
N LYS D 174 -23.20 -8.13 -13.78
CA LYS D 174 -22.72 -7.70 -15.08
C LYS D 174 -23.79 -7.93 -16.14
N LYS D 175 -23.87 -7.03 -17.11
CA LYS D 175 -24.86 -7.17 -18.17
C LYS D 175 -24.59 -8.40 -19.04
N GLN D 176 -23.33 -8.81 -19.15
CA GLN D 176 -22.99 -9.99 -19.94
C GLN D 176 -23.45 -11.28 -19.29
N TYR D 177 -23.84 -11.26 -18.02
CA TYR D 177 -24.37 -12.45 -17.37
C TYR D 177 -25.75 -12.85 -17.90
N PHE D 178 -26.41 -11.98 -18.65
CA PHE D 178 -27.79 -12.20 -19.09
C PHE D 178 -27.91 -12.14 -20.61
N VAL D 179 -26.85 -12.47 -21.33
CA VAL D 179 -26.88 -12.45 -22.79
C VAL D 179 -26.89 -13.87 -23.34
C01 XNV E . 7.08 9.52 25.01
C02 XNV E . 5.71 8.95 25.33
O03 XNV E . 5.79 7.57 25.48
C04 XNV E . 4.80 6.87 24.78
C05 XNV E . 3.32 7.20 25.02
C06 XNV E . 2.46 6.29 24.16
C07 XNV E . 1.89 5.18 25.04
N08 XNV E . 0.79 5.74 25.81
C09 XNV E . 0.77 5.65 27.26
C10 XNV E . -0.41 6.27 28.01
N11 XNV E . -0.88 5.41 29.10
C12 XNV E . -1.64 4.60 28.88
C13 XNV E . -2.32 3.54 29.94
N14 XNV E . -3.29 2.55 29.48
C15 XNV E . -4.56 2.31 30.13
C16 XNV E . -5.49 1.26 29.54
N17 XNV E . -5.16 0.38 28.58
O18 XNV E . -6.26 -0.40 28.30
C19 XNV E . -7.28 0.03 29.08
C20 XNV E . -8.69 -0.54 29.09
C21 XNV E . -6.81 1.06 29.84
O22 XNV E . -4.90 2.92 31.09
C23 XNV E . -1.99 3.57 31.31
C24 XNV E . -0.86 4.77 31.65
C25 XNV E . -0.37 5.64 30.48
O26 XNV E . -1.98 4.51 27.76
C27 XNV E . 0.00 7.63 28.57
C28 XNV E . -1.23 8.41 29.01
C29 XNV E . -2.20 9.00 29.36
O30 XNV E . 1.64 5.10 27.85
C31 XNV E . 1.40 4.04 24.16
C32 XNV E . 0.86 2.89 25.02
C33 XNV E . 1.85 2.40 25.91
C34 XNV E . 1.70 0.81 25.95
N35 XNV E . 1.02 0.43 24.76
C36 XNV E . 0.47 1.67 24.11
O37 XNV E . -0.15 1.72 23.11
O38 XNV E . 5.09 6.03 24.00
C01 XNV F . 11.36 30.61 -16.06
C02 XNV F . 12.21 29.65 -15.23
O03 XNV F . 12.35 28.44 -15.92
C04 XNV F . 12.65 27.36 -15.09
C05 XNV F . 14.10 26.93 -14.88
C06 XNV F . 14.24 25.46 -15.27
C07 XNV F . 14.48 25.35 -16.77
N08 XNV F . 15.84 25.76 -17.05
C09 XNV F . 16.15 26.78 -18.03
C10 XNV F . 17.61 27.17 -18.26
N11 XNV F . 17.93 27.31 -19.68
C12 XNV F . 18.21 26.40 -20.28
C13 XNV F . 18.62 26.33 -21.87
N14 XNV F . 18.94 25.05 -22.48
C15 XNV F . 20.02 24.83 -23.44
C16 XNV F . 20.21 23.41 -23.96
N17 XNV F . 19.55 22.34 -23.53
O18 XNV F . 19.99 21.24 -24.24
C19 XNV F . 20.91 21.66 -25.11
C20 XNV F . 21.67 20.79 -26.11
C21 XNV F . 21.06 23.01 -24.96
O22 XNV F . 20.72 25.71 -23.80
C23 XNV F . 18.64 27.50 -22.66
C24 XNV F . 18.23 28.87 -21.77
C25 XNV F . 17.89 28.68 -20.28
O26 XNV F . 18.22 25.38 -19.69
C27 XNV F . 17.95 28.45 -17.51
C28 XNV F . 19.46 28.65 -17.49
C29 XNV F . 20.64 28.81 -17.52
O30 XNV F . 15.28 27.32 -18.64
C31 XNV F . 14.25 23.91 -17.21
C32 XNV F . 14.51 23.77 -18.73
C33 XNV F . 13.57 24.52 -19.47
C34 XNV F . 13.17 23.64 -20.74
N35 XNV F . 13.48 22.29 -20.43
C36 XNV F . 14.32 22.28 -19.17
O37 XNV F . 14.75 21.32 -18.62
O38 XNV F . 11.78 26.75 -14.56
C01 XNV G . 12.00 -20.24 -16.99
C02 XNV G . 11.59 -19.30 -15.87
O03 XNV G . 10.34 -18.72 -16.17
C04 XNV G . 10.06 -17.56 -15.46
C05 XNV G . 9.24 -17.62 -14.17
C06 XNV G . 9.54 -16.41 -13.30
C07 XNV G . 8.47 -15.33 -13.53
N08 XNV G . 7.18 -15.87 -13.15
C09 XNV G . 6.05 -15.84 -14.06
C10 XNV G . 4.72 -16.43 -13.60
N11 XNV G . 3.58 -15.57 -13.93
C12 XNV G . 3.30 -14.71 -13.24
C13 XNV G . 2.07 -13.64 -13.40
N14 XNV G . 1.86 -12.59 -12.41
C15 XNV G . 0.57 -12.35 -11.79
C16 XNV G . 0.46 -11.22 -10.75
N17 XNV G . 1.40 -10.33 -10.46
O18 XNV G . 0.90 -9.48 -9.48
C19 XNV G . -0.34 -9.88 -9.19
C20 XNV G . -1.26 -9.23 -8.15
C21 XNV G . -0.64 -10.96 -9.95
O22 XNV G . -0.37 -13.00 -12.05
C23 XNV G . 1.20 -13.72 -14.49
C24 XNV G . 1.59 -14.98 -15.53
C25 XNV G . 2.80 -15.85 -15.16
O26 XNV G . 4.00 -14.60 -12.29
C27 XNV G . 4.54 -17.81 -14.25
C28 XNV G . 3.41 -18.56 -13.54
C29 XNV G . 2.55 -19.15 -12.98
O30 XNV G . 6.17 -15.37 -15.14
C31 XNV G . 8.84 -14.12 -12.66
C32 XNV G . 7.68 -13.10 -12.64
C33 XNV G . 7.46 -12.56 -13.93
C34 XNV G . 7.32 -10.98 -13.78
N35 XNV G . 7.80 -10.63 -12.49
C36 XNV G . 8.06 -11.89 -11.72
O37 XNV G . 8.48 -11.96 -10.61
O38 XNV G . 10.47 -16.51 -15.84
C01 XNV H . -29.13 -19.86 5.13
C02 XNV H . -28.14 -18.81 4.59
O03 XNV H . -28.71 -17.55 4.73
C04 XNV H . -27.79 -16.55 5.00
C05 XNV H . -26.57 -16.34 4.10
C06 XNV H . -26.07 -14.91 4.28
C07 XNV H . -24.73 -14.91 5.01
N08 XNV H . -23.72 -15.41 4.10
C09 XNV H . -22.95 -16.61 4.43
C10 XNV H . -21.90 -17.11 3.44
N11 XNV H . -20.65 -17.44 4.12
C12 XNV H . -19.85 -16.64 4.21
C13 XNV H . -18.38 -16.77 4.92
N14 XNV H . -17.49 -15.61 4.96
C15 XNV H . -16.10 -15.64 4.57
C16 XNV H . -15.31 -14.33 4.64
N17 XNV H . -15.78 -13.19 5.12
O18 XNV H . -14.77 -12.23 5.01
C19 XNV H . -13.70 -12.83 4.46
C20 XNV H . -12.37 -12.15 4.14
C21 XNV H . -14.02 -14.13 4.22
O22 XNV H . -15.57 -16.64 4.20
C23 XNV H . -17.96 -17.98 5.49
C24 XNV H . -19.13 -19.19 5.34
C25 XNV H . -20.44 -18.81 4.63
O26 XNV H . -20.13 -15.59 3.77
C27 XNV H . -22.42 -18.35 2.69
C28 XNV H . -21.46 -18.68 1.55
C29 XNV H . -20.69 -18.98 0.69
O30 XNV H . -23.13 -17.17 5.45
C31 XNV H . -24.41 -13.47 5.43
C32 XNV H . -22.97 -13.37 5.97
C33 XNV H . -22.85 -14.08 7.19
C34 XNV H . -22.14 -13.12 8.25
N35 XNV H . -22.13 -11.82 7.71
C36 XNV H . -22.63 -11.88 6.29
O37 XNV H . -22.75 -10.96 5.54
O38 XNV H . -27.94 -15.85 5.95
#